data_4FYT
#
_entry.id   4FYT
#
_cell.length_a   157.470
_cell.length_b   157.470
_cell.length_c   115.130
_cell.angle_alpha   90.000
_cell.angle_beta   90.000
_cell.angle_gamma   120.000
#
_symmetry.space_group_name_H-M   'P 64'
#
loop_
_entity.id
_entity.type
_entity.pdbx_description
1 polymer 'Aminopeptidase N'
2 polymer AMASTATIN
3 branched 2-acetamido-2-deoxy-beta-D-glucopyranose-(1-4)-2-acetamido-2-deoxy-beta-D-glucopyranose
4 non-polymer 2-acetamido-2-deoxy-beta-D-glucopyranose
5 non-polymer 'ZINC ION'
6 non-polymer 'SULFATE ION'
7 water water
#
loop_
_entity_poly.entity_id
_entity_poly.type
_entity_poly.pdbx_seq_one_letter_code
_entity_poly.pdbx_strand_id
1 'polypeptide(L)'
;PDQSKAWNRYRLPNTLKPDSYRVTLRPYLTPNDRGLYVFKGSSTVRFTCKEATDVIIIHSKKLNYTLSQGHRVVLRGVGG
SQPPDIDKTELVEPTEYLVVHLKGSLVKDSQYEMDSEFEGELADDLAGFYRSEYMEGNVRKVVATTQMQAADARKSFPCF
DEPAMKAEFNITLIHPKDLTALSNMLPKGPSTPLPEDPNWNVTEFHTTPKMSTYLLAFIVSEFDYVEKQASNGVLIRIWA
RPSAIAAGHGDYALNVTGPILNFFAGHYDTPYPLPKSDQIGLPDFNAGAMENWGLVTYRENSLLFDPLSSSSSNKERVVT
VIAHELAHQWFGNLVTIEWWNDLWLNEGFASYVEYLGADYAEPTWNLKDLMVLNDVYRVMAVDALASSHPLSTPASEINT
PAQISELFDAISYSKGASVLRMLSSFLSEDVFKQGLASYLHTFAYQNTIYLNLWDHLQEAVNNRSIQLPTTVRDIMNRWT
LQMGFPVITVDTSTGTLSQEHFLLDPDSNVTRPSEFNYVWIVPITSIRDGRQQQDYWLIDVRAQNDLFSTSGNEWVLLNL
NVTGYYRVNYDEENWRKIQTQLQRDHSAIPVINRAQIINDAFNLASAHKVPVTLALNNTLFLIEERQYMPWEAALSSLSY
FKLMFDRSEVYGPMKNYLKKQVTPLFIHFRNNTNNWREIPENLMDQYSEVNAISTACSNGVPECEEMVSGLFKQWMENPN
NNPIHPNLRSTVYCNAIAQGGEEEWDFAWEQFRNATLVNEADKLRAALACSKELWILNRYLSYTLNPDLIRKQDATSTII
SITNNVIGQGLVWDFVQSNWKKLFNDYGGGSFSFSNLIQAVTRRFSTEYELQQLEQFKKDNEETGFGSGTRALEQALEKT
KANIKWVKENKEVVLQWFTENSK
;
A
2 'polypeptide(L)' (L2O)VVD B
#
loop_
_chem_comp.id
_chem_comp.type
_chem_comp.name
_chem_comp.formula
L2O peptide-like '(2S,3R)-3-amino-2-hydroxy-5-methylhexanoic acid' 'C7 H15 N O3'
NAG D-saccharide, beta linking 2-acetamido-2-deoxy-beta-D-glucopyranose 'C8 H15 N O6'
SO4 non-polymer 'SULFATE ION' 'O4 S -2'
ZN non-polymer 'ZINC ION' 'Zn 2'
#
# COMPACT_ATOMS: atom_id res chain seq x y z
N PRO A 1 1.96 -1.76 33.45
CA PRO A 1 2.68 -2.89 34.05
C PRO A 1 4.13 -2.53 34.33
N ASP A 2 4.75 -3.26 35.26
CA ASP A 2 6.09 -2.98 35.74
C ASP A 2 7.14 -3.07 34.63
N GLN A 3 7.66 -1.91 34.22
CA GLN A 3 8.62 -1.81 33.11
C GLN A 3 10.01 -2.38 33.41
N SER A 4 10.26 -2.69 34.68
CA SER A 4 11.57 -3.27 35.04
C SER A 4 11.64 -4.75 34.69
N LYS A 5 10.49 -5.39 34.43
CA LYS A 5 10.45 -6.80 34.05
C LYS A 5 10.50 -6.93 32.53
N ALA A 6 11.43 -7.74 32.03
CA ALA A 6 11.63 -7.93 30.59
C ALA A 6 10.35 -8.40 29.87
N TRP A 7 9.52 -9.17 30.55
CA TRP A 7 8.29 -9.68 29.91
C TRP A 7 7.18 -8.63 29.78
N ASN A 8 7.40 -7.44 30.35
CA ASN A 8 6.50 -6.29 30.17
C ASN A 8 7.02 -5.28 29.14
N ARG A 9 8.13 -5.61 28.49
CA ARG A 9 8.69 -4.73 27.45
C ARG A 9 8.42 -5.37 26.09
N TYR A 10 8.19 -4.53 25.09
CA TYR A 10 7.71 -5.02 23.78
C TYR A 10 8.77 -5.68 22.89
N ARG A 11 10.04 -5.26 23.01
CA ARG A 11 11.10 -5.92 22.25
C ARG A 11 11.62 -7.15 23.00
N LEU A 12 11.93 -8.22 22.25
CA LEU A 12 12.49 -9.43 22.86
C LEU A 12 13.84 -9.11 23.50
N PRO A 13 14.22 -9.85 24.55
CA PRO A 13 15.61 -9.73 25.04
C PRO A 13 16.60 -10.12 23.95
N ASN A 14 17.84 -9.68 24.07
CA ASN A 14 18.88 -10.16 23.13
C ASN A 14 19.57 -11.44 23.63
N THR A 15 18.99 -12.05 24.67
CA THR A 15 19.66 -13.13 25.39
C THR A 15 19.54 -14.48 24.69
N LEU A 16 18.48 -14.69 23.91
CA LEU A 16 18.25 -15.94 23.22
C LEU A 16 18.06 -15.72 21.73
N LYS A 17 18.58 -16.62 20.91
CA LYS A 17 18.45 -16.49 19.48
C LYS A 17 18.17 -17.86 18.87
N PRO A 18 17.05 -18.00 18.14
CA PRO A 18 16.70 -19.30 17.59
C PRO A 18 17.60 -19.71 16.43
N ASP A 19 17.71 -21.03 16.23
CA ASP A 19 18.43 -21.61 15.11
C ASP A 19 17.50 -22.26 14.13
N SER A 20 16.60 -23.11 14.62
CA SER A 20 15.63 -23.79 13.74
C SER A 20 14.42 -24.28 14.50
N TYR A 21 13.35 -24.53 13.75
CA TYR A 21 12.07 -24.94 14.32
C TYR A 21 11.53 -26.09 13.49
N ARG A 22 10.83 -27.01 14.16
CA ARG A 22 9.87 -27.86 13.46
C ARG A 22 8.50 -27.54 14.04
N VAL A 23 7.51 -27.50 13.15
CA VAL A 23 6.15 -27.13 13.52
C VAL A 23 5.24 -28.12 12.80
N THR A 24 4.33 -28.71 13.57
CA THR A 24 3.24 -29.53 13.00
C THR A 24 1.91 -28.82 13.30
N LEU A 25 1.10 -28.58 12.27
CA LEU A 25 -0.20 -27.93 12.43
C LEU A 25 -1.29 -28.77 11.77
N ARG A 26 -2.44 -28.82 12.43
CA ARG A 26 -3.57 -29.61 11.95
C ARG A 26 -4.84 -28.76 12.01
N PRO A 27 -5.29 -28.22 10.87
CA PRO A 27 -6.52 -27.43 10.98
C PRO A 27 -7.74 -28.36 10.95
N TYR A 28 -8.80 -27.98 11.67
CA TYR A 28 -10.08 -28.71 11.59
C TYR A 28 -11.11 -27.85 10.85
N LEU A 29 -11.40 -28.26 9.63
CA LEU A 29 -12.15 -27.47 8.67
C LEU A 29 -13.67 -27.71 8.77
N THR A 30 -14.07 -28.44 9.80
CA THR A 30 -15.48 -28.49 10.22
C THR A 30 -15.59 -28.04 11.67
N PRO A 31 -16.72 -27.38 12.05
CA PRO A 31 -16.84 -26.86 13.42
C PRO A 31 -16.90 -27.97 14.46
N ASN A 32 -16.45 -27.67 15.68
CA ASN A 32 -16.55 -28.66 16.74
C ASN A 32 -17.92 -28.52 17.42
N ASP A 33 -18.15 -29.29 18.49
CA ASP A 33 -19.41 -29.24 19.22
C ASP A 33 -19.71 -27.87 19.84
N ARG A 34 -18.68 -27.04 19.98
CA ARG A 34 -18.83 -25.66 20.45
C ARG A 34 -19.19 -24.70 19.30
N GLY A 35 -19.09 -25.16 18.06
CA GLY A 35 -19.30 -24.29 16.88
C GLY A 35 -18.04 -23.56 16.44
N LEU A 36 -16.90 -23.95 17.00
CA LEU A 36 -15.61 -23.31 16.75
C LEU A 36 -14.79 -24.11 15.75
N TYR A 37 -14.09 -23.39 14.86
CA TYR A 37 -13.09 -24.02 14.01
C TYR A 37 -11.78 -23.83 14.76
N VAL A 38 -11.03 -24.91 14.89
CA VAL A 38 -9.78 -24.89 15.66
C VAL A 38 -8.63 -25.46 14.82
N PHE A 39 -7.39 -25.20 15.27
CA PHE A 39 -6.26 -25.95 14.76
C PHE A 39 -5.49 -26.47 15.96
N LYS A 40 -4.87 -27.64 15.82
CA LYS A 40 -4.02 -28.19 16.88
C LYS A 40 -2.60 -28.28 16.34
N GLY A 41 -1.62 -27.97 17.18
CA GLY A 41 -0.24 -28.06 16.73
C GLY A 41 0.78 -28.45 17.78
N SER A 42 2.00 -28.69 17.31
CA SER A 42 3.16 -28.92 18.20
C SER A 42 4.33 -28.19 17.56
N SER A 43 5.35 -27.92 18.37
CA SER A 43 6.57 -27.31 17.87
C SER A 43 7.74 -27.64 18.78
N THR A 44 8.91 -27.71 18.16
CA THR A 44 10.17 -27.69 18.87
C THR A 44 11.01 -26.58 18.26
N VAL A 45 11.50 -25.67 19.10
CA VAL A 45 12.46 -24.65 18.67
C VAL A 45 13.80 -24.98 19.32
N ARG A 46 14.84 -25.06 18.49
CA ARG A 46 16.23 -25.12 18.96
C ARG A 46 16.79 -23.70 18.93
N PHE A 47 17.39 -23.28 20.05
CA PHE A 47 17.87 -21.90 20.18
C PHE A 47 19.21 -21.89 20.90
N THR A 48 19.93 -20.79 20.75
CA THR A 48 21.24 -20.61 21.38
C THR A 48 21.12 -19.53 22.46
N CYS A 49 21.63 -19.82 23.65
CA CYS A 49 21.73 -18.80 24.67
C CYS A 49 22.93 -17.89 24.36
N LYS A 50 22.69 -16.58 24.24
CA LYS A 50 23.74 -15.61 23.89
C LYS A 50 24.29 -14.91 25.13
N GLU A 51 23.46 -14.88 26.18
CA GLU A 51 23.83 -14.29 27.48
C GLU A 51 23.05 -15.06 28.53
N ALA A 52 23.73 -15.45 29.62
CA ALA A 52 23.12 -16.25 30.68
C ALA A 52 21.84 -15.59 31.15
N THR A 53 20.78 -16.39 31.25
CA THR A 53 19.47 -15.88 31.67
C THR A 53 18.64 -16.99 32.33
N ASP A 54 17.77 -16.62 33.25
CA ASP A 54 16.90 -17.58 33.95
C ASP A 54 15.45 -17.52 33.47
N VAL A 55 15.23 -16.94 32.29
CA VAL A 55 13.89 -16.86 31.72
C VAL A 55 13.96 -17.03 30.20
N ILE A 56 12.97 -17.74 29.65
CA ILE A 56 12.78 -17.84 28.22
C ILE A 56 11.53 -17.03 27.93
N ILE A 57 11.72 -15.96 27.17
CA ILE A 57 10.63 -15.07 26.73
C ILE A 57 10.47 -15.31 25.23
N ILE A 58 9.29 -15.80 24.83
CA ILE A 58 9.03 -16.15 23.44
C ILE A 58 7.61 -15.65 23.12
N HIS A 59 7.35 -15.28 21.87
CA HIS A 59 6.00 -14.79 21.52
C HIS A 59 4.98 -15.91 21.44
N SER A 60 3.77 -15.58 21.88
CA SER A 60 2.63 -16.50 21.88
C SER A 60 1.35 -15.63 21.94
N LYS A 61 0.43 -15.83 20.99
CA LYS A 61 -0.77 -15.02 20.88
C LYS A 61 -1.98 -15.93 20.68
N LYS A 62 -2.93 -15.89 21.62
CA LYS A 62 -4.18 -16.64 21.48
C LYS A 62 -4.00 -18.15 21.28
N LEU A 63 -2.99 -18.69 21.96
CA LEU A 63 -2.73 -20.12 21.97
C LEU A 63 -2.97 -20.68 23.38
N ASN A 64 -3.59 -21.85 23.41
CA ASN A 64 -3.83 -22.61 24.63
C ASN A 64 -2.90 -23.82 24.65
N TYR A 65 -2.21 -24.03 25.76
CA TYR A 65 -1.19 -25.10 25.85
C TYR A 65 -1.69 -26.36 26.53
N THR A 66 -1.31 -27.50 25.98
CA THR A 66 -1.50 -28.80 26.63
C THR A 66 -0.30 -29.07 27.55
N LEU A 67 -0.58 -29.27 28.84
CA LEU A 67 0.50 -29.51 29.81
C LEU A 67 1.25 -30.77 29.45
N SER A 68 2.57 -30.71 29.58
CA SER A 68 3.44 -31.86 29.34
C SER A 68 4.50 -31.87 30.43
N GLN A 69 4.64 -33.03 31.09
CA GLN A 69 5.58 -33.19 32.22
C GLN A 69 5.42 -32.06 33.25
N GLY A 70 4.18 -31.64 33.48
CA GLY A 70 3.85 -30.71 34.56
C GLY A 70 3.88 -29.22 34.25
N HIS A 71 4.20 -28.86 33.01
CA HIS A 71 4.30 -27.43 32.65
C HIS A 71 3.78 -27.20 31.22
N ARG A 72 3.62 -25.93 30.84
CA ARG A 72 3.17 -25.58 29.48
C ARG A 72 4.13 -26.01 28.37
N VAL A 73 5.42 -26.13 28.69
CA VAL A 73 6.44 -26.56 27.75
C VAL A 73 7.41 -27.52 28.41
N VAL A 74 8.22 -28.18 27.59
CA VAL A 74 9.32 -29.01 28.04
C VAL A 74 10.64 -28.41 27.53
N LEU A 75 11.61 -28.30 28.42
CA LEU A 75 12.91 -27.71 28.07
C LEU A 75 13.98 -28.81 28.12
N ARG A 76 14.70 -29.00 27.01
CA ARG A 76 15.68 -30.08 26.87
C ARG A 76 17.07 -29.53 26.48
N GLY A 77 18.11 -30.28 26.81
CA GLY A 77 19.46 -29.91 26.38
C GLY A 77 19.77 -30.33 24.97
N VAL A 78 20.79 -29.71 24.40
CA VAL A 78 21.35 -30.05 23.10
C VAL A 78 22.87 -30.10 23.22
N GLY A 79 23.50 -31.08 22.57
CA GLY A 79 24.97 -31.20 22.55
C GLY A 79 25.56 -31.26 23.94
N GLY A 80 24.82 -31.86 24.86
CA GLY A 80 25.27 -32.03 26.24
C GLY A 80 24.92 -30.94 27.24
N SER A 81 24.31 -29.84 26.79
CA SER A 81 23.85 -28.84 27.76
C SER A 81 22.84 -29.48 28.72
N GLN A 82 22.73 -28.93 29.93
CA GLN A 82 21.88 -29.49 30.97
C GLN A 82 21.02 -28.37 31.57
N PRO A 83 19.88 -28.07 30.92
CA PRO A 83 19.06 -26.95 31.33
C PRO A 83 18.49 -27.10 32.74
N PRO A 84 18.25 -25.98 33.42
CA PRO A 84 17.59 -26.06 34.72
C PRO A 84 16.16 -26.52 34.57
N ASP A 85 15.55 -26.93 35.68
CA ASP A 85 14.12 -27.25 35.72
C ASP A 85 13.29 -25.99 35.50
N ILE A 86 12.08 -26.19 34.97
CA ILE A 86 11.12 -25.10 34.85
C ILE A 86 10.45 -24.87 36.20
N ASP A 87 10.41 -23.63 36.63
CA ASP A 87 9.63 -23.25 37.81
C ASP A 87 8.13 -23.17 37.48
N LYS A 88 7.76 -22.25 36.59
CA LYS A 88 6.35 -22.06 36.20
C LYS A 88 6.36 -21.27 34.91
N THR A 89 5.24 -21.28 34.19
CA THR A 89 5.11 -20.41 33.02
C THR A 89 3.97 -19.42 33.20
N GLU A 90 4.02 -18.33 32.44
CA GLU A 90 2.90 -17.41 32.39
C GLU A 90 2.71 -16.91 30.97
N LEU A 91 1.47 -16.53 30.66
CA LEU A 91 1.15 -15.84 29.43
C LEU A 91 0.94 -14.38 29.77
N VAL A 92 1.70 -13.49 29.15
CA VAL A 92 1.60 -12.06 29.40
C VAL A 92 0.93 -11.46 28.15
N GLU A 93 -0.33 -11.06 28.29
CA GLU A 93 -1.13 -10.76 27.09
C GLU A 93 -0.74 -9.47 26.34
N PRO A 94 -0.45 -8.36 27.06
CA PRO A 94 -0.17 -7.12 26.30
C PRO A 94 1.03 -7.24 25.34
N THR A 95 2.13 -7.80 25.86
CA THR A 95 3.35 -8.01 25.07
C THR A 95 3.33 -9.33 24.29
N GLU A 96 2.26 -10.12 24.42
CA GLU A 96 2.08 -11.39 23.66
C GLU A 96 3.24 -12.37 23.85
N TYR A 97 3.58 -12.63 25.10
CA TYR A 97 4.63 -13.60 25.42
C TYR A 97 4.13 -14.81 26.17
N LEU A 98 4.80 -15.94 25.89
CA LEU A 98 4.88 -17.05 26.85
C LEU A 98 6.20 -16.85 27.59
N VAL A 99 6.15 -16.86 28.92
CA VAL A 99 7.33 -16.58 29.74
C VAL A 99 7.61 -17.86 30.55
N VAL A 100 8.78 -18.46 30.35
CA VAL A 100 9.14 -19.70 31.05
C VAL A 100 10.16 -19.32 32.13
N HIS A 101 9.72 -19.30 33.39
CA HIS A 101 10.60 -18.97 34.52
C HIS A 101 11.39 -20.21 34.94
N LEU A 102 12.72 -20.10 34.98
CA LEU A 102 13.56 -21.29 35.23
C LEU A 102 14.11 -21.26 36.64
N LYS A 103 14.44 -22.45 37.15
CA LYS A 103 15.01 -22.59 38.49
C LYS A 103 16.51 -22.26 38.58
N GLY A 104 17.11 -21.97 37.43
CA GLY A 104 18.52 -21.60 37.35
C GLY A 104 18.74 -20.85 36.05
N SER A 105 19.98 -20.59 35.69
CA SER A 105 20.28 -19.86 34.46
C SER A 105 20.80 -20.76 33.37
N LEU A 106 20.42 -20.46 32.12
CA LEU A 106 21.00 -21.10 30.95
C LEU A 106 22.45 -20.63 30.80
N VAL A 107 23.23 -21.38 30.03
CA VAL A 107 24.68 -21.11 29.87
C VAL A 107 24.95 -20.42 28.54
N LYS A 108 25.73 -19.34 28.59
CA LYS A 108 26.15 -18.62 27.38
C LYS A 108 26.78 -19.52 26.31
N ASP A 109 26.38 -19.30 25.05
CA ASP A 109 26.85 -20.08 23.89
C ASP A 109 26.57 -21.60 23.95
N SER A 110 25.47 -21.96 24.61
CA SER A 110 24.94 -23.34 24.60
C SER A 110 23.59 -23.35 23.90
N GLN A 111 23.23 -24.50 23.32
CA GLN A 111 21.92 -24.68 22.69
C GLN A 111 20.96 -25.45 23.58
N TYR A 112 19.67 -25.19 23.37
CA TYR A 112 18.58 -25.85 24.10
C TYR A 112 17.44 -26.05 23.12
N GLU A 113 16.53 -26.96 23.47
CA GLU A 113 15.29 -27.17 22.69
C GLU A 113 14.08 -27.04 23.60
N MET A 114 13.03 -26.39 23.09
CA MET A 114 11.79 -26.27 23.86
C MET A 114 10.63 -26.84 23.06
N ASP A 115 9.87 -27.73 23.68
CA ASP A 115 8.77 -28.41 22.99
C ASP A 115 7.45 -27.88 23.50
N SER A 116 6.51 -27.67 22.57
CA SER A 116 5.19 -27.16 22.92
C SER A 116 4.11 -27.97 22.20
N GLU A 117 2.93 -28.01 22.82
CA GLU A 117 1.73 -28.61 22.23
C GLU A 117 0.60 -27.62 22.50
N PHE A 118 -0.15 -27.26 21.47
CA PHE A 118 -1.02 -26.10 21.58
C PHE A 118 -2.24 -26.19 20.67
N GLU A 119 -3.19 -25.28 20.89
CA GLU A 119 -4.41 -25.20 20.09
C GLU A 119 -4.80 -23.75 19.99
N GLY A 120 -5.35 -23.37 18.83
CA GLY A 120 -5.86 -22.02 18.64
C GLY A 120 -7.14 -22.07 17.81
N GLU A 121 -7.84 -20.95 17.76
CA GLU A 121 -9.02 -20.86 16.89
C GLU A 121 -8.59 -20.60 15.44
N LEU A 122 -9.15 -21.37 14.51
CA LEU A 122 -8.95 -21.10 13.08
C LEU A 122 -10.05 -20.09 12.73
N ALA A 123 -9.87 -18.86 13.18
CA ALA A 123 -10.91 -17.81 13.14
C ALA A 123 -11.09 -17.19 11.75
N ASP A 124 -12.22 -16.53 11.52
CA ASP A 124 -12.38 -15.78 10.27
C ASP A 124 -11.80 -14.35 10.37
N ASP A 125 -10.67 -14.24 11.09
CA ASP A 125 -10.11 -12.93 11.44
C ASP A 125 -8.93 -12.49 10.54
N LEU A 126 -8.63 -13.25 9.50
CA LEU A 126 -7.65 -12.85 8.46
C LEU A 126 -6.22 -12.71 9.01
N ALA A 127 -5.96 -13.28 10.18
CA ALA A 127 -4.64 -13.12 10.82
C ALA A 127 -4.13 -14.45 11.39
N GLY A 128 -2.81 -14.66 11.30
CA GLY A 128 -2.24 -15.94 11.71
C GLY A 128 -2.68 -17.07 10.81
N PHE A 129 -2.96 -18.23 11.41
CA PHE A 129 -3.54 -19.36 10.70
C PHE A 129 -5.04 -19.16 10.87
N TYR A 130 -5.73 -18.94 9.76
CA TYR A 130 -7.13 -18.52 9.79
C TYR A 130 -7.93 -19.23 8.70
N ARG A 131 -9.25 -19.04 8.72
CA ARG A 131 -10.09 -19.68 7.72
C ARG A 131 -10.62 -18.69 6.69
N SER A 132 -10.66 -19.13 5.45
CA SER A 132 -11.32 -18.42 4.35
C SER A 132 -12.43 -19.34 3.81
N GLU A 133 -13.53 -18.75 3.34
CA GLU A 133 -14.69 -19.54 2.94
C GLU A 133 -15.22 -19.11 1.59
N TYR A 134 -15.65 -20.08 0.79
CA TYR A 134 -16.36 -19.75 -0.44
C TYR A 134 -17.39 -20.85 -0.70
N MET A 135 -18.27 -20.58 -1.66
CA MET A 135 -19.30 -21.55 -2.05
C MET A 135 -18.97 -22.09 -3.42
N GLU A 136 -19.14 -23.39 -3.59
CA GLU A 136 -19.15 -23.97 -4.92
C GLU A 136 -20.55 -24.58 -5.05
N GLY A 137 -21.45 -23.91 -5.78
CA GLY A 137 -22.87 -24.24 -5.74
C GLY A 137 -23.39 -24.01 -4.33
N ASN A 138 -23.98 -25.04 -3.73
CA ASN A 138 -24.46 -24.95 -2.35
C ASN A 138 -23.52 -25.64 -1.37
N VAL A 139 -22.32 -25.96 -1.82
CA VAL A 139 -21.36 -26.61 -0.94
C VAL A 139 -20.40 -25.58 -0.36
N ARG A 140 -20.29 -25.57 0.97
CA ARG A 140 -19.40 -24.65 1.69
C ARG A 140 -17.98 -25.18 1.61
N LYS A 141 -17.08 -24.40 1.02
CA LYS A 141 -15.66 -24.80 1.01
C LYS A 141 -14.89 -23.96 2.04
N VAL A 142 -14.14 -24.63 2.90
CA VAL A 142 -13.41 -23.92 3.95
C VAL A 142 -11.91 -24.17 3.71
N VAL A 143 -11.15 -23.09 3.71
CA VAL A 143 -9.72 -23.13 3.42
C VAL A 143 -8.96 -22.73 4.68
N ALA A 144 -7.88 -23.43 5.02
CA ALA A 144 -7.02 -22.96 6.09
C ALA A 144 -5.85 -22.26 5.42
N THR A 145 -5.56 -21.05 5.87
CA THR A 145 -4.56 -20.24 5.18
C THR A 145 -3.90 -19.31 6.19
N THR A 146 -2.85 -18.58 5.77
CA THR A 146 -2.10 -17.77 6.74
C THR A 146 -1.87 -16.34 6.31
N GLN A 147 -1.71 -15.46 7.30
CA GLN A 147 -1.11 -14.13 7.14
C GLN A 147 -0.33 -13.86 8.43
N MET A 148 1.00 -13.83 8.31
CA MET A 148 1.85 -13.65 9.50
C MET A 148 2.33 -12.22 9.69
N GLN A 149 2.58 -11.52 8.59
CA GLN A 149 3.13 -10.16 8.73
C GLN A 149 2.08 -9.20 9.30
N ALA A 150 2.46 -8.33 10.25
CA ALA A 150 3.83 -8.22 10.79
C ALA A 150 4.10 -9.19 11.94
N ALA A 151 3.12 -9.32 12.83
CA ALA A 151 3.38 -9.93 14.15
C ALA A 151 2.39 -11.03 14.52
N ASP A 152 2.03 -11.86 13.54
CA ASP A 152 1.02 -12.90 13.74
C ASP A 152 1.53 -14.33 13.56
N ALA A 153 2.82 -14.52 13.25
CA ALA A 153 3.35 -15.88 13.25
C ALA A 153 3.11 -16.51 14.63
N ARG A 154 3.31 -15.70 15.67
CA ARG A 154 3.12 -16.07 17.08
C ARG A 154 1.67 -16.50 17.42
N LYS A 155 0.74 -16.23 16.50
CA LYS A 155 -0.65 -16.62 16.67
C LYS A 155 -0.88 -18.05 16.16
N SER A 156 0.13 -18.63 15.48
CA SER A 156 0.02 -19.99 14.97
C SER A 156 0.91 -20.99 15.72
N PHE A 157 2.04 -20.51 16.25
CA PHE A 157 2.95 -21.35 17.06
C PHE A 157 3.88 -20.44 17.86
N PRO A 158 4.42 -20.92 19.00
CA PRO A 158 5.30 -20.01 19.75
C PRO A 158 6.62 -19.81 19.02
N CYS A 159 7.05 -18.55 18.91
CA CYS A 159 8.28 -18.28 18.16
C CYS A 159 8.88 -16.95 18.57
N PHE A 160 10.16 -16.76 18.27
CA PHE A 160 10.81 -15.49 18.51
C PHE A 160 10.45 -14.64 17.31
N ASP A 161 9.35 -13.90 17.43
CA ASP A 161 8.65 -13.35 16.25
C ASP A 161 9.08 -11.90 16.00
N GLU A 162 10.36 -11.75 15.63
CA GLU A 162 10.94 -10.48 15.17
C GLU A 162 11.76 -10.81 13.92
N PRO A 163 11.81 -9.87 12.95
CA PRO A 163 12.36 -10.18 11.63
C PRO A 163 13.85 -10.53 11.61
N ALA A 164 14.59 -10.06 12.61
CA ALA A 164 16.03 -10.35 12.62
C ALA A 164 16.35 -11.64 13.37
N MET A 165 15.31 -12.32 13.88
CA MET A 165 15.47 -13.66 14.49
C MET A 165 15.28 -14.73 13.43
N LYS A 166 16.14 -14.75 12.40
CA LYS A 166 15.95 -15.67 11.28
C LYS A 166 16.27 -17.10 11.69
N ALA A 167 15.60 -18.07 11.08
CA ALA A 167 15.81 -19.48 11.41
C ALA A 167 15.36 -20.34 10.25
N GLU A 168 15.67 -21.64 10.28
CA GLU A 168 15.11 -22.57 9.31
C GLU A 168 13.88 -23.19 9.94
N PHE A 169 12.91 -23.49 9.08
CA PHE A 169 11.61 -24.04 9.53
C PHE A 169 11.29 -25.34 8.80
N ASN A 170 10.90 -26.34 9.59
CA ASN A 170 10.56 -27.67 9.12
C ASN A 170 9.07 -27.86 9.36
N ILE A 171 8.27 -27.68 8.32
CA ILE A 171 6.81 -27.65 8.45
C ILE A 171 6.18 -28.99 8.09
N THR A 172 5.26 -29.44 8.94
CA THR A 172 4.38 -30.59 8.65
C THR A 172 2.92 -30.14 8.78
N LEU A 173 2.10 -30.42 7.76
CA LEU A 173 0.66 -30.17 7.85
C LEU A 173 -0.08 -31.50 7.81
N ILE A 174 -1.04 -31.62 8.72
CA ILE A 174 -1.91 -32.80 8.79
C ILE A 174 -3.29 -32.32 8.36
N HIS A 175 -3.86 -32.96 7.35
CA HIS A 175 -4.99 -32.39 6.66
C HIS A 175 -5.90 -33.49 6.13
N PRO A 176 -7.18 -33.17 5.87
CA PRO A 176 -8.03 -34.19 5.22
C PRO A 176 -7.37 -34.77 3.95
N LYS A 177 -7.51 -36.08 3.76
CA LYS A 177 -6.76 -36.80 2.69
C LYS A 177 -7.03 -36.30 1.29
N ASP A 178 -8.20 -35.68 1.10
CA ASP A 178 -8.61 -35.18 -0.20
C ASP A 178 -8.10 -33.76 -0.51
N LEU A 179 -7.52 -33.09 0.49
CA LEU A 179 -7.11 -31.70 0.31
C LEU A 179 -5.61 -31.59 0.15
N THR A 180 -5.17 -30.57 -0.58
CA THR A 180 -3.74 -30.34 -0.85
C THR A 180 -3.18 -29.43 0.22
N ALA A 181 -2.02 -29.81 0.76
CA ALA A 181 -1.27 -28.96 1.68
C ALA A 181 -0.15 -28.24 0.93
N LEU A 182 -0.02 -26.93 1.18
CA LEU A 182 1.04 -26.10 0.56
C LEU A 182 1.79 -25.33 1.64
N SER A 183 3.07 -25.11 1.41
CA SER A 183 3.85 -24.26 2.29
C SER A 183 4.96 -23.63 1.45
N ASN A 184 5.92 -23.00 2.12
CA ASN A 184 6.98 -22.27 1.45
C ASN A 184 7.77 -23.18 0.52
N MET A 185 8.11 -24.37 1.01
CA MET A 185 8.94 -25.30 0.27
C MET A 185 8.09 -26.40 -0.39
N LEU A 186 8.74 -27.27 -1.15
CA LEU A 186 8.08 -28.44 -1.72
C LEU A 186 7.99 -29.56 -0.67
N PRO A 187 7.05 -30.51 -0.85
CA PRO A 187 6.95 -31.64 0.07
C PRO A 187 8.24 -32.47 0.10
N LYS A 188 8.54 -33.01 1.27
CA LYS A 188 9.71 -33.86 1.50
C LYS A 188 9.20 -35.29 1.54
N GLY A 189 9.35 -36.00 0.42
CA GLY A 189 8.82 -37.36 0.30
C GLY A 189 7.31 -37.36 0.11
N PRO A 190 6.69 -38.55 0.09
CA PRO A 190 5.25 -38.61 -0.22
C PRO A 190 4.36 -38.25 0.98
N SER A 191 3.12 -37.86 0.71
CA SER A 191 2.10 -37.68 1.75
C SER A 191 1.55 -39.01 2.23
N THR A 192 1.67 -39.26 3.54
CA THR A 192 1.30 -40.55 4.13
C THR A 192 0.00 -40.43 4.95
N PRO A 193 -0.79 -41.51 5.04
CA PRO A 193 -1.98 -41.47 5.91
C PRO A 193 -1.61 -41.29 7.37
N LEU A 194 -2.39 -40.53 8.11
CA LEU A 194 -2.22 -40.43 9.55
C LEU A 194 -2.55 -41.80 10.19
N PRO A 195 -1.63 -42.35 11.01
CA PRO A 195 -1.87 -43.64 11.66
C PRO A 195 -3.17 -43.70 12.48
N GLU A 196 -3.43 -42.69 13.31
CA GLU A 196 -4.64 -42.64 14.15
C GLU A 196 -5.96 -42.58 13.34
N ASP A 197 -5.91 -42.04 12.11
CA ASP A 197 -7.11 -41.82 11.28
C ASP A 197 -6.75 -41.59 9.81
N PRO A 198 -6.85 -42.64 8.96
CA PRO A 198 -6.51 -42.58 7.54
C PRO A 198 -7.36 -41.64 6.68
N ASN A 199 -8.35 -41.00 7.28
CA ASN A 199 -9.10 -39.94 6.58
C ASN A 199 -8.26 -38.66 6.48
N TRP A 200 -7.15 -38.63 7.21
CA TRP A 200 -6.21 -37.51 7.19
C TRP A 200 -4.87 -37.95 6.60
N ASN A 201 -4.20 -37.03 5.92
CA ASN A 201 -2.84 -37.24 5.40
C ASN A 201 -1.84 -36.39 6.19
N VAL A 202 -0.58 -36.80 6.18
CA VAL A 202 0.52 -36.05 6.80
C VAL A 202 1.44 -35.61 5.66
N THR A 203 1.66 -34.30 5.50
CA THR A 203 2.55 -33.79 4.46
C THR A 203 3.68 -33.01 5.13
N GLU A 204 4.90 -33.52 5.02
CA GLU A 204 6.07 -32.82 5.56
C GLU A 204 6.73 -32.07 4.42
N PHE A 205 7.27 -30.88 4.70
CA PHE A 205 7.90 -30.07 3.65
C PHE A 205 9.40 -29.96 3.92
N HIS A 206 10.18 -29.78 2.86
CA HIS A 206 11.63 -29.56 2.99
C HIS A 206 11.88 -28.36 3.88
N THR A 207 13.03 -28.36 4.53
CA THR A 207 13.45 -27.26 5.39
C THR A 207 13.52 -25.95 4.59
N THR A 208 13.05 -24.84 5.17
CA THR A 208 13.17 -23.53 4.50
C THR A 208 14.64 -23.07 4.55
N PRO A 209 14.99 -22.09 3.70
CA PRO A 209 16.21 -21.30 3.97
C PRO A 209 16.12 -20.59 5.32
N LYS A 210 17.24 -20.05 5.81
CA LYS A 210 17.21 -19.15 6.93
C LYS A 210 16.30 -17.97 6.55
N MET A 211 15.29 -17.67 7.37
CA MET A 211 14.29 -16.68 6.98
C MET A 211 13.54 -16.17 8.20
N SER A 212 12.79 -15.07 8.00
CA SER A 212 12.04 -14.45 9.07
C SER A 212 10.68 -15.15 9.27
N THR A 213 10.21 -15.19 10.52
CA THR A 213 8.93 -15.82 10.86
C THR A 213 7.74 -15.22 10.06
N TYR A 214 7.81 -13.92 9.74
CA TYR A 214 6.65 -13.26 9.09
C TYR A 214 6.41 -13.72 7.65
N LEU A 215 7.33 -14.52 7.11
CA LEU A 215 7.26 -14.99 5.73
C LEU A 215 6.76 -16.44 5.59
N LEU A 216 6.41 -17.06 6.71
CA LEU A 216 5.93 -18.45 6.69
C LEU A 216 4.49 -18.49 6.14
N ALA A 217 4.18 -19.51 5.34
CA ALA A 217 2.80 -19.72 4.86
C ALA A 217 2.41 -21.20 4.92
N PHE A 218 1.18 -21.47 5.38
CA PHE A 218 0.64 -22.83 5.47
C PHE A 218 -0.76 -22.77 4.90
N ILE A 219 -1.06 -23.57 3.88
CA ILE A 219 -2.38 -23.51 3.21
C ILE A 219 -2.92 -24.92 2.92
N VAL A 220 -4.20 -25.13 3.25
CA VAL A 220 -4.86 -26.40 3.00
C VAL A 220 -6.16 -26.10 2.26
N SER A 221 -6.31 -26.68 1.07
CA SER A 221 -7.44 -26.36 0.20
C SER A 221 -7.64 -27.45 -0.85
N GLU A 222 -8.69 -27.30 -1.65
CA GLU A 222 -8.81 -28.10 -2.86
C GLU A 222 -8.68 -27.26 -4.11
N PHE A 223 -7.86 -26.20 -4.03
CA PHE A 223 -7.63 -25.39 -5.22
C PHE A 223 -7.02 -26.17 -6.39
N ASP A 224 -7.26 -25.68 -7.60
CA ASP A 224 -6.58 -26.18 -8.77
C ASP A 224 -5.48 -25.19 -9.16
N TYR A 225 -4.69 -25.53 -10.17
CA TYR A 225 -3.61 -24.64 -10.62
C TYR A 225 -3.30 -24.79 -12.10
N VAL A 226 -2.64 -23.77 -12.65
CA VAL A 226 -1.93 -23.90 -13.91
C VAL A 226 -0.44 -23.72 -13.59
N GLU A 227 0.45 -24.25 -14.44
CA GLU A 227 1.88 -24.21 -14.11
C GLU A 227 2.75 -24.07 -15.33
N LYS A 228 3.95 -23.56 -15.11
CA LYS A 228 4.92 -23.41 -16.18
C LYS A 228 6.27 -23.19 -15.54
N GLN A 229 7.28 -23.91 -16.03
CA GLN A 229 8.64 -23.68 -15.58
C GLN A 229 9.17 -22.39 -16.19
N ALA A 230 9.69 -21.50 -15.35
CA ALA A 230 10.21 -20.23 -15.83
C ALA A 230 11.59 -20.46 -16.44
N SER A 231 12.04 -19.49 -17.24
CA SER A 231 13.29 -19.63 -17.98
C SER A 231 14.54 -19.73 -17.07
N ASN A 232 14.39 -19.44 -15.77
CA ASN A 232 15.48 -19.63 -14.82
C ASN A 232 15.36 -20.97 -14.09
N GLY A 233 14.48 -21.86 -14.60
CA GLY A 233 14.30 -23.19 -14.04
C GLY A 233 13.36 -23.31 -12.85
N VAL A 234 12.84 -22.17 -12.37
CA VAL A 234 11.96 -22.17 -11.21
C VAL A 234 10.54 -22.56 -11.65
N LEU A 235 9.89 -23.43 -10.89
CA LEU A 235 8.51 -23.84 -11.22
C LEU A 235 7.53 -22.77 -10.71
N ILE A 236 6.67 -22.25 -11.60
CA ILE A 236 5.62 -21.30 -11.20
C ILE A 236 4.28 -22.03 -11.27
N ARG A 237 3.48 -21.92 -10.22
CA ARG A 237 2.09 -22.40 -10.27
C ARG A 237 1.19 -21.27 -9.80
N ILE A 238 0.03 -21.15 -10.45
CA ILE A 238 -0.98 -20.16 -10.08
C ILE A 238 -2.15 -20.94 -9.53
N TRP A 239 -2.45 -20.78 -8.24
CA TRP A 239 -3.49 -21.58 -7.56
C TRP A 239 -4.72 -20.72 -7.27
N ALA A 240 -5.92 -21.27 -7.48
CA ALA A 240 -7.13 -20.53 -7.11
C ALA A 240 -8.31 -21.50 -7.01
N ARG A 241 -9.47 -20.98 -6.63
CA ARG A 241 -10.66 -21.80 -6.62
C ARG A 241 -10.83 -22.53 -7.98
N PRO A 242 -11.25 -23.80 -7.93
CA PRO A 242 -11.34 -24.58 -9.16
C PRO A 242 -12.07 -23.89 -10.34
N SER A 243 -13.22 -23.27 -10.06
CA SER A 243 -13.96 -22.61 -11.14
C SER A 243 -13.17 -21.48 -11.83
N ALA A 244 -12.40 -20.72 -11.05
CA ALA A 244 -11.57 -19.64 -11.62
C ALA A 244 -10.48 -20.19 -12.52
N ILE A 245 -9.78 -21.23 -12.05
CA ILE A 245 -8.73 -21.85 -12.85
C ILE A 245 -9.31 -22.46 -14.14
N ALA A 246 -10.44 -23.15 -14.03
CA ALA A 246 -11.08 -23.79 -15.19
C ALA A 246 -11.50 -22.75 -16.25
N ALA A 247 -11.90 -21.58 -15.77
CA ALA A 247 -12.35 -20.47 -16.62
C ALA A 247 -11.18 -19.77 -17.33
N GLY A 248 -9.95 -20.09 -16.92
CA GLY A 248 -8.76 -19.49 -17.52
C GLY A 248 -8.30 -18.22 -16.82
N HIS A 249 -8.87 -17.91 -15.67
CA HIS A 249 -8.63 -16.62 -15.01
C HIS A 249 -7.27 -16.53 -14.31
N GLY A 250 -6.55 -17.64 -14.22
CA GLY A 250 -5.14 -17.61 -13.76
C GLY A 250 -4.14 -17.48 -14.89
N ASP A 251 -4.59 -17.45 -16.15
CA ASP A 251 -3.68 -17.50 -17.30
C ASP A 251 -2.82 -16.25 -17.46
N TYR A 252 -3.38 -15.08 -17.17
CA TYR A 252 -2.58 -13.85 -17.27
C TYR A 252 -1.43 -13.86 -16.24
N ALA A 253 -1.75 -14.23 -15.01
CA ALA A 253 -0.70 -14.37 -13.98
C ALA A 253 0.40 -15.34 -14.43
N LEU A 254 0.01 -16.47 -15.05
CA LEU A 254 1.00 -17.43 -15.54
C LEU A 254 1.86 -16.83 -16.65
N ASN A 255 1.25 -15.96 -17.47
CA ASN A 255 1.96 -15.31 -18.57
C ASN A 255 3.08 -14.38 -18.09
N VAL A 256 2.87 -13.76 -16.94
CA VAL A 256 3.79 -12.72 -16.46
C VAL A 256 4.71 -13.10 -15.30
N THR A 257 4.32 -14.06 -14.48
CA THR A 257 5.02 -14.29 -13.20
C THR A 257 6.47 -14.78 -13.41
N GLY A 258 6.62 -15.90 -14.12
CA GLY A 258 7.96 -16.44 -14.37
C GLY A 258 8.86 -15.46 -15.10
N PRO A 259 8.35 -14.83 -16.18
CA PRO A 259 9.17 -13.84 -16.89
C PRO A 259 9.63 -12.69 -16.00
N ILE A 260 8.77 -12.19 -15.11
CA ILE A 260 9.20 -11.12 -14.18
C ILE A 260 10.25 -11.65 -13.19
N LEU A 261 10.04 -12.85 -12.66
CA LEU A 261 10.98 -13.42 -11.69
C LEU A 261 12.38 -13.53 -12.33
N ASN A 262 12.41 -14.03 -13.56
CA ASN A 262 13.66 -14.14 -14.31
C ASN A 262 14.27 -12.79 -14.61
N PHE A 263 13.44 -11.82 -15.00
CA PHE A 263 13.91 -10.46 -15.19
C PHE A 263 14.64 -9.91 -13.96
N PHE A 264 14.03 -10.04 -12.78
CA PHE A 264 14.65 -9.51 -11.54
C PHE A 264 15.95 -10.24 -11.21
N ALA A 265 15.94 -11.56 -11.38
CA ALA A 265 17.17 -12.36 -11.17
C ALA A 265 18.33 -11.85 -12.03
N GLY A 266 18.06 -11.56 -13.31
CA GLY A 266 19.06 -10.97 -14.20
C GLY A 266 19.44 -9.54 -13.86
N HIS A 267 18.43 -8.69 -13.59
CA HIS A 267 18.67 -7.26 -13.36
C HIS A 267 19.53 -7.04 -12.12
N TYR A 268 19.31 -7.86 -11.08
CA TYR A 268 20.06 -7.74 -9.82
C TYR A 268 21.17 -8.75 -9.68
N ASP A 269 21.45 -9.49 -10.77
CA ASP A 269 22.53 -10.48 -10.81
C ASP A 269 22.54 -11.40 -9.57
N THR A 270 21.34 -11.84 -9.18
CA THR A 270 21.15 -12.60 -7.95
C THR A 270 20.04 -13.63 -8.18
N PRO A 271 20.39 -14.92 -8.23
CA PRO A 271 19.36 -15.91 -8.55
C PRO A 271 18.29 -16.01 -7.46
N TYR A 272 17.08 -16.40 -7.86
CA TYR A 272 16.06 -16.84 -6.90
C TYR A 272 16.42 -18.27 -6.48
N PRO A 273 16.62 -18.51 -5.16
CA PRO A 273 17.24 -19.78 -4.71
C PRO A 273 16.32 -20.97 -4.46
N LEU A 274 15.00 -20.74 -4.48
CA LEU A 274 14.03 -21.78 -4.16
C LEU A 274 13.59 -22.52 -5.42
N PRO A 275 13.10 -23.77 -5.26
CA PRO A 275 12.74 -24.56 -6.44
C PRO A 275 11.43 -24.11 -7.10
N LYS A 276 10.59 -23.40 -6.36
CA LYS A 276 9.31 -22.97 -6.91
C LYS A 276 8.83 -21.65 -6.31
N SER A 277 7.93 -20.96 -7.03
CA SER A 277 7.22 -19.83 -6.48
C SER A 277 5.74 -19.98 -6.82
N ASP A 278 4.96 -20.41 -5.84
CA ASP A 278 3.50 -20.54 -6.01
C ASP A 278 2.86 -19.17 -5.80
N GLN A 279 1.87 -18.85 -6.65
CA GLN A 279 1.03 -17.66 -6.44
C GLN A 279 -0.37 -18.20 -6.14
N ILE A 280 -1.01 -17.73 -5.07
CA ILE A 280 -2.29 -18.31 -4.71
C ILE A 280 -3.29 -17.20 -4.33
N GLY A 281 -4.51 -17.30 -4.85
CA GLY A 281 -5.54 -16.27 -4.60
C GLY A 281 -6.57 -16.73 -3.58
N LEU A 282 -6.75 -15.96 -2.52
CA LEU A 282 -7.64 -16.32 -1.43
C LEU A 282 -8.93 -15.51 -1.47
N PRO A 283 -10.08 -16.17 -1.19
CA PRO A 283 -11.37 -15.45 -1.11
C PRO A 283 -11.46 -14.46 0.05
N ASP A 284 -10.72 -14.71 1.14
CA ASP A 284 -10.70 -13.79 2.28
C ASP A 284 -9.25 -13.47 2.65
N PHE A 285 -8.90 -12.21 2.53
CA PHE A 285 -7.52 -11.77 2.63
C PHE A 285 -7.52 -10.30 3.02
N ASN A 286 -6.84 -9.98 4.13
CA ASN A 286 -6.80 -8.62 4.71
C ASN A 286 -6.16 -7.58 3.77
N ALA A 287 -4.91 -7.85 3.41
CA ALA A 287 -4.14 -6.99 2.51
C ALA A 287 -4.47 -7.24 1.02
N GLY A 288 -3.68 -6.67 0.13
CA GLY A 288 -3.79 -6.93 -1.31
C GLY A 288 -3.06 -8.18 -1.75
N ALA A 289 -1.87 -8.38 -1.17
CA ALA A 289 -1.04 -9.56 -1.45
C ALA A 289 0.08 -9.56 -0.40
N MET A 290 0.82 -10.67 -0.33
CA MET A 290 1.85 -10.87 0.71
C MET A 290 2.94 -11.81 0.17
N GLU A 291 4.20 -11.42 0.31
CA GLU A 291 5.32 -12.01 -0.44
C GLU A 291 5.88 -13.29 0.17
N ASN A 292 5.07 -14.07 0.88
CA ASN A 292 5.61 -15.26 1.59
C ASN A 292 6.57 -16.05 0.68
N TRP A 293 7.75 -16.39 1.20
CA TRP A 293 8.84 -16.88 0.35
C TRP A 293 8.49 -18.28 -0.18
N GLY A 294 8.19 -18.38 -1.47
CA GLY A 294 7.81 -19.66 -2.08
C GLY A 294 6.29 -19.86 -2.19
N LEU A 295 5.52 -19.03 -1.49
CA LEU A 295 4.04 -19.18 -1.50
C LEU A 295 3.38 -17.80 -1.37
N VAL A 296 3.35 -17.07 -2.47
CA VAL A 296 2.92 -15.66 -2.47
C VAL A 296 1.39 -15.66 -2.48
N THR A 297 0.77 -14.96 -1.53
CA THR A 297 -0.70 -14.99 -1.36
C THR A 297 -1.31 -13.68 -1.89
N TYR A 298 -2.53 -13.75 -2.43
CA TYR A 298 -3.14 -12.56 -3.05
C TYR A 298 -4.62 -12.55 -2.74
N ARG A 299 -5.22 -11.37 -2.65
CA ARG A 299 -6.67 -11.30 -2.87
C ARG A 299 -6.96 -11.79 -4.29
N GLU A 300 -8.10 -12.42 -4.51
CA GLU A 300 -8.50 -12.74 -5.92
C GLU A 300 -8.41 -11.61 -6.93
N ASN A 301 -8.80 -10.39 -6.53
CA ASN A 301 -8.75 -9.19 -7.41
C ASN A 301 -7.35 -8.68 -7.70
N SER A 302 -6.36 -9.38 -7.17
CA SER A 302 -5.01 -8.96 -7.43
C SER A 302 -4.26 -9.98 -8.24
N LEU A 303 -4.84 -11.16 -8.43
CA LEU A 303 -4.12 -12.24 -9.10
C LEU A 303 -4.87 -12.76 -10.34
N LEU A 304 -6.17 -12.95 -10.17
CA LEU A 304 -7.02 -13.45 -11.24
C LEU A 304 -7.39 -12.33 -12.22
N PHE A 305 -7.72 -12.69 -13.45
CA PHE A 305 -8.03 -11.70 -14.48
C PHE A 305 -8.89 -12.37 -15.53
N ASP A 306 -10.00 -11.73 -15.88
CA ASP A 306 -10.91 -12.25 -16.90
C ASP A 306 -10.87 -11.27 -18.08
N PRO A 307 -10.28 -11.70 -19.21
CA PRO A 307 -10.10 -10.83 -20.37
C PRO A 307 -11.42 -10.31 -20.93
N LEU A 308 -12.51 -11.00 -20.65
CA LEU A 308 -13.83 -10.57 -21.14
C LEU A 308 -14.62 -9.68 -20.18
N SER A 309 -14.18 -9.56 -18.92
CA SER A 309 -14.94 -8.74 -17.97
C SER A 309 -14.10 -7.82 -17.07
N SER A 310 -12.80 -8.09 -16.94
CA SER A 310 -11.91 -7.23 -16.14
C SER A 310 -11.48 -6.02 -17.00
N SER A 311 -11.26 -4.87 -16.36
CA SER A 311 -10.81 -3.67 -17.09
C SER A 311 -9.30 -3.67 -17.34
N SER A 312 -8.84 -2.74 -18.18
CA SER A 312 -7.41 -2.52 -18.36
C SER A 312 -6.75 -2.09 -17.07
N SER A 313 -7.46 -1.28 -16.29
CA SER A 313 -6.96 -0.90 -14.96
C SER A 313 -6.78 -2.14 -14.06
N ASN A 314 -7.75 -3.07 -14.09
CA ASN A 314 -7.59 -4.33 -13.35
C ASN A 314 -6.36 -5.10 -13.81
N LYS A 315 -6.13 -5.14 -15.12
CA LYS A 315 -4.97 -5.85 -15.68
C LYS A 315 -3.66 -5.24 -15.22
N GLU A 316 -3.60 -3.92 -15.20
CA GLU A 316 -2.45 -3.20 -14.67
C GLU A 316 -2.23 -3.54 -13.19
N ARG A 317 -3.31 -3.64 -12.41
CA ARG A 317 -3.18 -4.01 -11.00
C ARG A 317 -2.56 -5.41 -10.83
N VAL A 318 -3.03 -6.36 -11.63
CA VAL A 318 -2.49 -7.72 -11.56
C VAL A 318 -0.99 -7.75 -11.84
N VAL A 319 -0.55 -7.17 -12.97
CA VAL A 319 0.89 -7.26 -13.30
C VAL A 319 1.77 -6.48 -12.29
N THR A 320 1.26 -5.37 -11.79
CA THR A 320 2.02 -4.53 -10.86
C THR A 320 2.12 -5.16 -9.47
N VAL A 321 1.03 -5.78 -9.00
CA VAL A 321 1.05 -6.41 -7.69
C VAL A 321 1.93 -7.66 -7.74
N ILE A 322 1.81 -8.46 -8.82
CA ILE A 322 2.73 -9.60 -8.99
C ILE A 322 4.19 -9.11 -8.99
N ALA A 323 4.47 -8.09 -9.79
CA ALA A 323 5.83 -7.54 -9.85
C ALA A 323 6.32 -7.06 -8.47
N HIS A 324 5.43 -6.42 -7.72
CA HIS A 324 5.73 -5.93 -6.38
C HIS A 324 6.11 -7.09 -5.44
N GLU A 325 5.26 -8.12 -5.36
CA GLU A 325 5.56 -9.20 -4.43
C GLU A 325 6.80 -10.00 -4.87
N LEU A 326 7.02 -10.12 -6.18
CA LEU A 326 8.24 -10.77 -6.66
C LEU A 326 9.48 -9.93 -6.32
N ALA A 327 9.36 -8.60 -6.39
CA ALA A 327 10.49 -7.75 -6.01
C ALA A 327 10.96 -8.07 -4.60
N HIS A 328 10.00 -8.32 -3.70
CA HIS A 328 10.29 -8.68 -2.31
C HIS A 328 11.11 -9.97 -2.16
N GLN A 329 11.09 -10.86 -3.14
CA GLN A 329 11.89 -12.08 -2.99
C GLN A 329 13.36 -11.71 -2.77
N TRP A 330 13.76 -10.59 -3.38
CA TRP A 330 15.09 -10.01 -3.16
C TRP A 330 15.04 -9.03 -2.00
N PHE A 331 14.20 -7.99 -2.13
CA PHE A 331 14.13 -6.90 -1.14
C PHE A 331 13.07 -7.17 -0.08
N GLY A 332 13.45 -8.02 0.87
CA GLY A 332 12.57 -8.37 1.97
C GLY A 332 12.81 -9.81 2.42
N ASN A 333 12.94 -10.74 1.47
CA ASN A 333 12.99 -12.17 1.83
C ASN A 333 14.45 -12.62 1.94
N LEU A 334 15.20 -12.45 0.85
CA LEU A 334 16.61 -12.81 0.83
C LEU A 334 17.37 -11.87 1.77
N VAL A 335 17.11 -10.57 1.62
CA VAL A 335 17.66 -9.56 2.52
C VAL A 335 16.47 -8.90 3.21
N THR A 336 16.54 -8.81 4.53
CA THR A 336 15.37 -8.40 5.34
C THR A 336 15.71 -7.24 6.23
N ILE A 337 14.79 -6.31 6.41
CA ILE A 337 14.94 -5.27 7.44
C ILE A 337 15.35 -5.83 8.80
N GLU A 338 16.25 -5.09 9.47
CA GLU A 338 16.61 -5.43 10.85
C GLU A 338 15.43 -5.27 11.80
N TRP A 339 14.64 -4.21 11.60
CA TRP A 339 13.47 -3.96 12.41
C TRP A 339 12.52 -3.09 11.59
N TRP A 340 11.26 -3.03 12.02
CA TRP A 340 10.18 -2.39 11.24
C TRP A 340 10.33 -0.90 11.02
N ASN A 341 11.13 -0.21 11.84
CA ASN A 341 11.35 1.21 11.60
C ASN A 341 11.98 1.48 10.24
N ASP A 342 12.70 0.50 9.69
CA ASP A 342 13.33 0.64 8.38
C ASP A 342 12.51 -0.06 7.28
N LEU A 343 11.20 -0.17 7.49
CA LEU A 343 10.31 -0.93 6.59
C LEU A 343 10.48 -0.54 5.12
N TRP A 344 10.79 0.73 4.83
CA TRP A 344 10.99 1.14 3.43
C TRP A 344 12.04 0.32 2.65
N LEU A 345 13.01 -0.26 3.37
CA LEU A 345 13.98 -1.16 2.72
C LEU A 345 13.29 -2.35 2.06
N ASN A 346 12.16 -2.79 2.61
CA ASN A 346 11.31 -3.77 1.94
C ASN A 346 10.32 -3.08 0.98
N GLU A 347 9.45 -2.23 1.55
CA GLU A 347 8.27 -1.72 0.82
C GLU A 347 8.58 -0.61 -0.16
N GLY A 348 9.56 0.22 0.15
CA GLY A 348 9.96 1.31 -0.77
C GLY A 348 10.61 0.70 -1.99
N PHE A 349 11.50 -0.28 -1.76
CA PHE A 349 12.07 -1.04 -2.86
C PHE A 349 11.05 -1.77 -3.72
N ALA A 350 10.15 -2.52 -3.09
CA ALA A 350 9.15 -3.23 -3.89
C ALA A 350 8.27 -2.25 -4.67
N SER A 351 7.99 -1.10 -4.07
CA SER A 351 7.15 -0.07 -4.71
C SER A 351 7.80 0.59 -5.92
N TYR A 352 9.14 0.69 -5.90
CA TYR A 352 9.90 1.20 -7.05
C TYR A 352 10.13 0.08 -8.09
N VAL A 353 10.63 -1.05 -7.62
CA VAL A 353 11.05 -2.15 -8.50
C VAL A 353 9.85 -2.77 -9.21
N GLU A 354 8.66 -2.72 -8.60
CA GLU A 354 7.46 -3.25 -9.27
C GLU A 354 7.31 -2.65 -10.68
N TYR A 355 7.67 -1.38 -10.86
CA TYR A 355 7.51 -0.75 -12.17
C TYR A 355 8.49 -1.32 -13.18
N LEU A 356 9.72 -1.61 -12.76
CA LEU A 356 10.70 -2.21 -13.64
C LEU A 356 10.21 -3.58 -14.14
N GLY A 357 9.68 -4.39 -13.22
CA GLY A 357 9.18 -5.73 -13.55
C GLY A 357 7.94 -5.66 -14.43
N ALA A 358 7.01 -4.80 -14.05
CA ALA A 358 5.77 -4.66 -14.83
C ALA A 358 6.08 -4.12 -16.23
N ASP A 359 7.01 -3.16 -16.32
CA ASP A 359 7.43 -2.60 -17.62
C ASP A 359 8.08 -3.68 -18.48
N TYR A 360 8.85 -4.57 -17.84
CA TYR A 360 9.45 -5.70 -18.57
C TYR A 360 8.35 -6.55 -19.24
N ALA A 361 7.34 -6.89 -18.46
CA ALA A 361 6.23 -7.75 -18.95
C ALA A 361 5.33 -7.03 -19.95
N GLU A 362 5.13 -5.72 -19.75
CA GLU A 362 4.22 -4.95 -20.59
C GLU A 362 4.89 -3.67 -21.09
N PRO A 363 5.88 -3.79 -21.99
CA PRO A 363 6.67 -2.62 -22.38
C PRO A 363 5.90 -1.53 -23.14
N THR A 364 4.75 -1.86 -23.74
CA THR A 364 3.99 -0.84 -24.48
C THR A 364 3.12 0.05 -23.59
N TRP A 365 3.01 -0.27 -22.30
CA TRP A 365 2.09 0.48 -21.43
C TRP A 365 2.69 1.77 -20.84
N ASN A 366 4.02 1.89 -20.88
CA ASN A 366 4.74 3.02 -20.26
C ASN A 366 4.43 3.27 -18.78
N LEU A 367 4.36 2.19 -18.01
CA LEU A 367 4.00 2.26 -16.60
C LEU A 367 4.92 3.08 -15.69
N LYS A 368 6.21 3.13 -16.01
CA LYS A 368 7.20 3.83 -15.15
C LYS A 368 6.84 5.29 -14.93
N ASP A 369 6.26 5.91 -15.94
CA ASP A 369 5.79 7.29 -15.82
C ASP A 369 4.73 7.52 -14.74
N LEU A 370 3.95 6.49 -14.44
CA LEU A 370 2.86 6.61 -13.48
C LEU A 370 3.36 6.83 -12.04
N MET A 371 4.64 6.54 -11.78
CA MET A 371 5.27 6.83 -10.49
C MET A 371 5.08 8.26 -10.02
N VAL A 372 5.00 9.21 -10.94
CA VAL A 372 4.86 10.61 -10.55
C VAL A 372 3.53 10.82 -9.84
N LEU A 373 2.45 10.26 -10.40
CA LEU A 373 1.12 10.41 -9.80
C LEU A 373 0.90 9.44 -8.64
N ASN A 374 1.29 8.19 -8.85
CA ASN A 374 0.94 7.11 -7.93
C ASN A 374 1.84 7.04 -6.71
N ASP A 375 3.03 7.64 -6.81
CA ASP A 375 3.95 7.65 -5.67
C ASP A 375 4.33 9.06 -5.24
N VAL A 376 5.00 9.81 -6.12
CA VAL A 376 5.54 11.11 -5.72
C VAL A 376 4.45 12.01 -5.16
N TYR A 377 3.45 12.32 -5.98
CA TYR A 377 2.45 13.30 -5.56
C TYR A 377 1.48 12.71 -4.54
N ARG A 378 1.30 11.39 -4.56
CA ARG A 378 0.48 10.74 -3.57
C ARG A 378 1.04 11.00 -2.16
N VAL A 379 2.32 10.69 -1.96
CA VAL A 379 2.92 10.85 -0.62
C VAL A 379 3.19 12.31 -0.23
N MET A 380 3.38 13.20 -1.21
CA MET A 380 3.68 14.60 -0.84
C MET A 380 2.57 15.25 -0.06
N ALA A 381 1.34 14.77 -0.25
CA ALA A 381 0.19 15.27 0.51
C ALA A 381 0.42 15.12 2.04
N VAL A 382 0.74 13.91 2.48
CA VAL A 382 0.95 13.72 3.92
C VAL A 382 2.33 14.19 4.38
N ASP A 383 3.31 14.15 3.48
CA ASP A 383 4.70 14.49 3.86
C ASP A 383 4.92 16.01 3.90
N ALA A 384 3.88 16.79 3.59
CA ALA A 384 3.93 18.25 3.79
C ALA A 384 3.31 18.65 5.13
N LEU A 385 3.04 17.68 5.99
CA LEU A 385 2.51 17.98 7.33
C LEU A 385 3.63 17.96 8.36
N ALA A 386 3.47 18.74 9.43
CA ALA A 386 4.42 18.75 10.57
C ALA A 386 4.39 17.40 11.30
N SER A 387 3.26 16.68 11.16
CA SER A 387 3.05 15.41 11.82
C SER A 387 3.30 14.22 10.88
N SER A 388 4.08 14.45 9.82
CA SER A 388 4.63 13.35 9.05
C SER A 388 5.76 12.67 9.85
N HIS A 389 6.48 11.75 9.22
CA HIS A 389 7.57 11.00 9.92
C HIS A 389 8.66 10.69 8.92
N PRO A 390 9.91 10.50 9.40
CA PRO A 390 10.98 10.21 8.46
C PRO A 390 10.81 8.83 7.82
N LEU A 391 11.39 8.68 6.64
CA LEU A 391 11.42 7.39 5.95
C LEU A 391 11.95 6.29 6.88
N SER A 392 13.07 6.59 7.56
CA SER A 392 13.57 5.70 8.62
C SER A 392 13.34 6.34 9.99
N THR A 393 12.30 5.87 10.69
CA THR A 393 11.96 6.38 12.03
C THR A 393 12.98 5.79 13.01
N PRO A 394 13.36 6.55 14.05
CA PRO A 394 14.24 5.92 15.04
C PRO A 394 13.65 4.59 15.60
N ALA A 395 14.47 3.55 15.62
CA ALA A 395 14.00 2.20 16.02
C ALA A 395 13.32 2.16 17.38
N SER A 396 13.78 3.01 18.30
CA SER A 396 13.26 3.04 19.67
C SER A 396 11.82 3.55 19.79
N GLU A 397 11.32 4.20 18.75
CA GLU A 397 9.93 4.67 18.70
C GLU A 397 8.93 3.62 18.23
N ILE A 398 9.43 2.54 17.64
CA ILE A 398 8.57 1.54 17.00
C ILE A 398 8.63 0.26 17.84
N ASN A 399 7.59 0.01 18.63
CA ASN A 399 7.63 -1.09 19.60
C ASN A 399 6.46 -2.03 19.59
N THR A 400 5.25 -1.48 19.47
CA THR A 400 4.04 -2.30 19.53
C THR A 400 3.56 -2.75 18.15
N PRO A 401 2.76 -3.82 18.10
CA PRO A 401 2.19 -4.23 16.80
C PRO A 401 1.39 -3.09 16.12
N ALA A 402 0.71 -2.26 16.92
CA ALA A 402 -0.02 -1.11 16.35
C ALA A 402 0.95 -0.13 15.68
N GLN A 403 2.05 0.18 16.37
CA GLN A 403 3.06 1.10 15.83
C GLN A 403 3.73 0.53 14.57
N ILE A 404 3.93 -0.78 14.56
CA ILE A 404 4.49 -1.45 13.39
C ILE A 404 3.53 -1.38 12.19
N SER A 405 2.28 -1.77 12.41
CA SER A 405 1.29 -1.79 11.32
C SER A 405 1.06 -0.39 10.74
N GLU A 406 1.09 0.60 11.61
CA GLU A 406 1.01 2.03 11.21
C GLU A 406 2.03 2.44 10.13
N LEU A 407 3.20 1.80 10.14
CA LEU A 407 4.24 2.17 9.16
C LEU A 407 4.02 1.64 7.75
N PHE A 408 3.04 0.75 7.57
CA PHE A 408 2.69 0.31 6.21
C PHE A 408 1.86 1.40 5.55
N ASP A 409 2.55 2.48 5.19
CA ASP A 409 1.89 3.76 4.90
C ASP A 409 2.51 4.43 3.69
N ALA A 410 2.01 5.62 3.36
CA ALA A 410 2.47 6.29 2.13
C ALA A 410 3.97 6.63 2.18
N ILE A 411 4.47 6.93 3.38
CA ILE A 411 5.91 7.19 3.54
C ILE A 411 6.75 5.95 3.18
N SER A 412 6.50 4.83 3.86
CA SER A 412 7.34 3.65 3.65
C SER A 412 7.26 3.14 2.21
N TYR A 413 6.07 3.23 1.61
CA TYR A 413 5.86 2.74 0.25
C TYR A 413 6.27 3.76 -0.80
N SER A 414 5.55 4.87 -0.84
CA SER A 414 5.64 5.82 -1.96
C SER A 414 6.77 6.83 -1.82
N LYS A 415 7.05 7.29 -0.60
CA LYS A 415 8.25 8.11 -0.43
C LYS A 415 9.48 7.23 -0.65
N GLY A 416 9.45 6.00 -0.11
CA GLY A 416 10.50 4.99 -0.38
C GLY A 416 10.75 4.88 -1.88
N ALA A 417 9.68 4.63 -2.63
CA ALA A 417 9.80 4.54 -4.10
C ALA A 417 10.33 5.82 -4.74
N SER A 418 9.86 6.98 -4.27
CA SER A 418 10.25 8.29 -4.84
C SER A 418 11.74 8.57 -4.64
N VAL A 419 12.25 8.29 -3.44
CA VAL A 419 13.65 8.55 -3.14
C VAL A 419 14.55 7.60 -3.96
N LEU A 420 14.07 6.37 -4.18
CA LEU A 420 14.82 5.42 -5.01
C LEU A 420 14.79 5.81 -6.49
N ARG A 421 13.66 6.36 -6.93
CA ARG A 421 13.54 6.90 -8.30
C ARG A 421 14.55 8.02 -8.51
N MET A 422 14.67 8.89 -7.49
CA MET A 422 15.60 10.01 -7.54
C MET A 422 17.05 9.51 -7.56
N LEU A 423 17.33 8.56 -6.68
CA LEU A 423 18.67 7.96 -6.58
C LEU A 423 19.07 7.29 -7.90
N SER A 424 18.15 6.51 -8.47
CA SER A 424 18.40 5.89 -9.78
C SER A 424 18.67 6.94 -10.85
N SER A 425 17.92 8.04 -10.81
CA SER A 425 18.11 9.11 -11.77
C SER A 425 19.52 9.74 -11.69
N PHE A 426 19.98 10.09 -10.50
CA PHE A 426 21.27 10.80 -10.43
C PHE A 426 22.49 9.87 -10.50
N LEU A 427 22.30 8.60 -10.18
CA LEU A 427 23.37 7.61 -10.31
C LEU A 427 23.43 6.98 -11.69
N SER A 428 22.27 6.93 -12.35
CA SER A 428 21.91 6.02 -13.49
C SER A 428 21.50 4.63 -12.96
N GLU A 429 20.53 3.98 -13.63
CA GLU A 429 20.07 2.66 -13.17
C GLU A 429 21.21 1.63 -13.26
N ASP A 430 22.13 1.80 -14.22
CA ASP A 430 23.28 0.86 -14.32
C ASP A 430 24.13 0.86 -13.05
N VAL A 431 24.42 2.06 -12.54
CA VAL A 431 25.25 2.19 -11.34
C VAL A 431 24.44 1.74 -10.12
N PHE A 432 23.17 2.14 -10.10
CA PHE A 432 22.25 1.77 -9.02
C PHE A 432 22.16 0.25 -8.85
N LYS A 433 21.90 -0.47 -9.95
CA LYS A 433 21.70 -1.92 -9.88
C LYS A 433 23.02 -2.65 -9.56
N GLN A 434 24.15 -2.04 -9.93
CA GLN A 434 25.46 -2.58 -9.57
C GLN A 434 25.64 -2.56 -8.04
N GLY A 435 25.32 -1.44 -7.40
CA GLY A 435 25.41 -1.32 -5.94
C GLY A 435 24.42 -2.24 -5.25
N LEU A 436 23.23 -2.37 -5.84
CA LEU A 436 22.23 -3.27 -5.29
C LEU A 436 22.64 -4.73 -5.37
N ALA A 437 23.25 -5.13 -6.49
CA ALA A 437 23.74 -6.50 -6.59
C ALA A 437 24.75 -6.81 -5.47
N SER A 438 25.63 -5.83 -5.17
CA SER A 438 26.60 -5.97 -4.11
C SER A 438 25.92 -6.08 -2.74
N TYR A 439 24.93 -5.24 -2.50
CA TYR A 439 24.10 -5.27 -1.28
C TYR A 439 23.44 -6.64 -1.07
N LEU A 440 22.79 -7.13 -2.12
CA LEU A 440 22.10 -8.42 -2.03
C LEU A 440 23.08 -9.58 -1.78
N HIS A 441 24.22 -9.56 -2.48
CA HIS A 441 25.23 -10.62 -2.29
C HIS A 441 25.78 -10.64 -0.86
N THR A 442 26.10 -9.46 -0.31
CA THR A 442 26.71 -9.39 1.00
C THR A 442 25.75 -9.79 2.12
N PHE A 443 24.47 -9.38 1.99
CA PHE A 443 23.53 -9.54 3.07
C PHE A 443 22.49 -10.64 2.88
N ALA A 444 22.73 -11.50 1.88
CA ALA A 444 21.83 -12.64 1.62
C ALA A 444 21.66 -13.48 2.88
N TYR A 445 20.41 -13.80 3.20
CA TYR A 445 20.03 -14.55 4.42
C TYR A 445 20.31 -13.81 5.74
N GLN A 446 20.45 -12.48 5.67
CA GLN A 446 20.74 -11.65 6.83
C GLN A 446 19.79 -10.44 6.85
N ASN A 447 20.08 -9.49 7.73
CA ASN A 447 19.23 -8.31 7.95
C ASN A 447 20.04 -7.02 7.81
N THR A 448 19.38 -5.95 7.39
CA THR A 448 20.05 -4.70 7.08
C THR A 448 19.36 -3.48 7.69
N ILE A 449 20.14 -2.41 7.83
CA ILE A 449 19.60 -1.09 8.10
C ILE A 449 19.96 -0.16 6.94
N TYR A 450 19.40 1.05 6.94
CA TYR A 450 19.59 1.97 5.82
C TYR A 450 21.07 2.24 5.51
N LEU A 451 21.90 2.28 6.56
CA LEU A 451 23.34 2.52 6.36
C LEU A 451 24.03 1.46 5.52
N ASN A 452 23.57 0.21 5.62
CA ASN A 452 24.12 -0.89 4.83
C ASN A 452 23.90 -0.68 3.34
N LEU A 453 22.74 -0.13 3.00
CA LEU A 453 22.43 0.19 1.61
C LEU A 453 23.39 1.25 1.06
N TRP A 454 23.56 2.36 1.77
CA TRP A 454 24.45 3.43 1.32
C TRP A 454 25.87 2.92 1.09
N ASP A 455 26.37 2.05 1.97
CA ASP A 455 27.73 1.52 1.84
C ASP A 455 27.96 0.81 0.52
N HIS A 456 26.96 0.03 0.09
CA HIS A 456 27.09 -0.72 -1.14
CA HIS A 456 27.07 -0.72 -1.15
C HIS A 456 26.85 0.12 -2.40
N LEU A 457 25.97 1.12 -2.32
CA LEU A 457 25.83 2.05 -3.42
C LEU A 457 27.13 2.87 -3.55
N GLN A 458 27.74 3.19 -2.42
CA GLN A 458 29.02 3.94 -2.44
C GLN A 458 30.12 3.15 -3.15
N GLU A 459 30.15 1.85 -2.90
CA GLU A 459 31.13 0.96 -3.53
C GLU A 459 31.02 1.02 -5.07
N ALA A 460 29.79 1.07 -5.60
CA ALA A 460 29.56 1.19 -7.03
C ALA A 460 29.97 2.56 -7.55
N VAL A 461 29.61 3.62 -6.81
CA VAL A 461 30.02 4.99 -7.17
C VAL A 461 31.55 5.06 -7.24
N ASN A 462 32.22 4.52 -6.22
CA ASN A 462 33.68 4.59 -6.15
C ASN A 462 34.34 3.81 -7.29
N ASN A 463 33.78 2.64 -7.61
CA ASN A 463 34.27 1.83 -8.75
C ASN A 463 34.12 2.52 -10.11
N ARG A 464 33.06 3.30 -10.27
CA ARG A 464 32.81 4.01 -11.51
C ARG A 464 33.47 5.39 -11.54
N SER A 465 34.15 5.75 -10.45
CA SER A 465 34.79 7.07 -10.31
C SER A 465 33.81 8.22 -10.51
N ILE A 466 32.54 7.98 -10.16
CA ILE A 466 31.49 8.99 -10.21
C ILE A 466 31.76 10.03 -9.12
N GLN A 467 31.71 11.31 -9.49
CA GLN A 467 31.95 12.39 -8.55
C GLN A 467 30.62 13.02 -8.13
N LEU A 468 30.36 13.03 -6.83
CA LEU A 468 29.17 13.64 -6.25
C LEU A 468 29.65 14.70 -5.28
N PRO A 469 28.74 15.60 -4.84
CA PRO A 469 29.15 16.68 -3.94
C PRO A 469 29.54 16.18 -2.54
N THR A 470 29.14 14.95 -2.22
CA THR A 470 29.57 14.30 -0.99
C THR A 470 29.28 12.78 -1.13
N THR A 471 29.35 12.05 -0.03
CA THR A 471 29.10 10.61 -0.08
C THR A 471 27.61 10.30 -0.29
N VAL A 472 27.31 9.09 -0.76
CA VAL A 472 25.91 8.65 -0.94
C VAL A 472 25.17 8.72 0.39
N ARG A 473 25.84 8.28 1.46
CA ARG A 473 25.27 8.36 2.79
C ARG A 473 24.82 9.78 3.12
N ASP A 474 25.69 10.75 2.93
CA ASP A 474 25.35 12.10 3.34
C ASP A 474 24.27 12.74 2.46
N ILE A 475 24.27 12.43 1.17
CA ILE A 475 23.17 12.88 0.31
C ILE A 475 21.87 12.24 0.82
N MET A 476 21.88 10.91 0.91
CA MET A 476 20.63 10.17 1.08
C MET A 476 20.12 10.21 2.53
N ASN A 477 21.01 10.39 3.50
CA ASN A 477 20.53 10.64 4.87
C ASN A 477 19.58 11.84 4.97
N ARG A 478 19.81 12.86 4.16
CA ARG A 478 18.91 14.03 4.15
C ARG A 478 17.47 13.66 3.77
N TRP A 479 17.34 12.65 2.92
CA TRP A 479 16.01 12.24 2.43
C TRP A 479 15.39 11.13 3.27
N THR A 480 16.16 10.55 4.19
CA THR A 480 15.80 9.32 4.88
C THR A 480 15.56 9.53 6.37
N LEU A 481 16.36 10.39 6.98
CA LEU A 481 16.32 10.57 8.43
C LEU A 481 15.54 11.77 8.93
N GLN A 482 15.17 12.69 8.04
CA GLN A 482 14.29 13.78 8.43
C GLN A 482 13.03 13.70 7.55
N MET A 483 11.88 14.06 8.10
CA MET A 483 10.63 14.05 7.31
C MET A 483 10.63 15.15 6.24
N GLY A 484 9.65 15.08 5.34
CA GLY A 484 9.35 16.20 4.48
C GLY A 484 10.23 16.29 3.25
N PHE A 485 10.10 17.42 2.56
CA PHE A 485 10.83 17.67 1.34
C PHE A 485 10.86 19.16 1.12
N PRO A 486 11.79 19.64 0.27
CA PRO A 486 11.89 21.05 0.04
C PRO A 486 11.00 21.53 -1.09
N VAL A 487 10.62 22.81 -1.00
CA VAL A 487 10.23 23.57 -2.17
C VAL A 487 11.47 24.35 -2.59
N ILE A 488 11.78 24.29 -3.90
CA ILE A 488 12.90 24.98 -4.49
C ILE A 488 12.29 26.18 -5.20
N THR A 489 12.65 27.38 -4.75
CA THR A 489 12.09 28.60 -5.35
C THR A 489 13.14 29.27 -6.26
N VAL A 490 12.78 29.55 -7.51
CA VAL A 490 13.71 30.09 -8.50
C VAL A 490 13.35 31.56 -8.73
N ASP A 491 14.35 32.43 -8.70
CA ASP A 491 14.14 33.79 -9.19
C ASP A 491 14.85 33.86 -10.54
N THR A 492 14.08 33.81 -11.64
CA THR A 492 14.72 33.77 -12.96
C THR A 492 15.34 35.11 -13.41
N SER A 493 15.08 36.18 -12.65
CA SER A 493 15.73 37.47 -12.93
C SER A 493 17.21 37.40 -12.66
N THR A 494 17.56 36.72 -11.57
CA THR A 494 18.93 36.70 -11.07
C THR A 494 19.57 35.31 -11.17
N GLY A 495 18.75 34.28 -11.42
CA GLY A 495 19.25 32.92 -11.40
C GLY A 495 19.52 32.41 -9.98
N THR A 496 18.82 32.93 -8.99
CA THR A 496 18.98 32.40 -7.64
C THR A 496 17.97 31.29 -7.36
N LEU A 497 18.40 30.30 -6.57
CA LEU A 497 17.55 29.21 -6.12
C LEU A 497 17.60 29.22 -4.61
N SER A 498 16.50 28.88 -3.97
CA SER A 498 16.57 28.65 -2.53
C SER A 498 15.66 27.48 -2.18
N GLN A 499 15.92 26.87 -1.02
CA GLN A 499 15.10 25.75 -0.58
C GLN A 499 14.59 26.02 0.82
N GLU A 500 13.40 25.50 1.12
CA GLU A 500 12.93 25.44 2.50
C GLU A 500 12.02 24.26 2.62
N HIS A 501 11.92 23.72 3.84
CA HIS A 501 10.98 22.63 4.14
C HIS A 501 9.55 23.07 3.75
N PHE A 502 8.91 22.30 2.86
CA PHE A 502 7.58 22.67 2.38
C PHE A 502 6.52 22.21 3.36
N LEU A 503 5.76 23.15 3.92
CA LEU A 503 4.67 22.81 4.81
C LEU A 503 3.37 23.37 4.26
N LEU A 504 2.33 22.54 4.20
CA LEU A 504 1.04 22.96 3.62
C LEU A 504 0.44 24.10 4.45
N ASP A 505 0.69 24.05 5.75
CA ASP A 505 0.30 25.11 6.68
C ASP A 505 1.56 25.79 7.21
N PRO A 506 1.78 27.06 6.83
CA PRO A 506 2.89 27.88 7.36
C PRO A 506 2.94 27.93 8.90
N ASP A 507 1.77 27.88 9.52
CA ASP A 507 1.65 28.01 10.98
C ASP A 507 1.80 26.69 11.71
N SER A 508 1.95 25.57 11.00
CA SER A 508 2.06 24.27 11.68
C SER A 508 3.36 24.19 12.51
N ASN A 509 3.35 23.33 13.52
CA ASN A 509 4.47 23.25 14.47
C ASN A 509 5.28 21.97 14.28
N VAL A 510 6.42 22.07 13.60
CA VAL A 510 7.33 20.93 13.49
C VAL A 510 8.05 20.77 14.84
N THR A 511 7.72 19.68 15.54
CA THR A 511 8.29 19.40 16.87
C THR A 511 9.39 18.32 16.83
N ARG A 512 9.42 17.53 15.75
CA ARG A 512 10.52 16.59 15.53
C ARG A 512 11.78 17.34 15.05
N PRO A 513 12.84 17.36 15.87
CA PRO A 513 14.07 18.01 15.41
C PRO A 513 14.77 17.18 14.35
N SER A 514 15.52 17.86 13.48
CA SER A 514 16.36 17.18 12.52
C SER A 514 17.79 17.65 12.72
N GLU A 515 18.70 16.69 12.87
CA GLU A 515 20.13 17.00 12.90
C GLU A 515 20.61 17.59 11.56
N PHE A 516 19.76 17.50 10.52
CA PHE A 516 20.11 18.15 9.24
C PHE A 516 19.42 19.49 9.01
N ASN A 517 18.67 19.96 10.01
CA ASN A 517 18.10 21.33 9.99
C ASN A 517 17.07 21.52 8.86
N TYR A 518 16.47 20.42 8.40
CA TYR A 518 15.53 20.50 7.25
C TYR A 518 16.16 21.24 6.06
N VAL A 519 17.41 20.87 5.76
CA VAL A 519 18.12 21.30 4.55
C VAL A 519 18.48 20.02 3.80
N TRP A 520 18.26 20.03 2.49
CA TRP A 520 18.55 18.85 1.68
C TRP A 520 19.71 19.08 0.71
N ILE A 521 20.28 17.99 0.21
CA ILE A 521 21.21 18.05 -0.92
C ILE A 521 20.41 17.56 -2.12
N VAL A 522 20.22 18.43 -3.10
CA VAL A 522 19.15 18.21 -4.10
C VAL A 522 19.72 18.16 -5.52
N PRO A 523 19.51 17.05 -6.22
CA PRO A 523 19.92 16.95 -7.61
C PRO A 523 18.88 17.66 -8.46
N ILE A 524 19.31 18.69 -9.16
CA ILE A 524 18.38 19.53 -9.89
C ILE A 524 18.59 19.38 -11.39
N THR A 525 17.57 18.84 -12.07
CA THR A 525 17.56 18.82 -13.53
C THR A 525 16.68 19.98 -14.01
N SER A 526 16.85 20.39 -15.26
CA SER A 526 16.07 21.53 -15.75
C SER A 526 16.03 21.55 -17.26
N ILE A 527 15.05 22.29 -17.78
CA ILE A 527 14.92 22.56 -19.20
C ILE A 527 14.75 24.05 -19.46
N ARG A 528 15.24 24.51 -20.61
CA ARG A 528 15.11 25.90 -20.99
C ARG A 528 14.46 25.87 -22.38
N ASP A 529 13.26 26.45 -22.46
CA ASP A 529 12.48 26.41 -23.70
C ASP A 529 12.42 24.99 -24.28
N GLY A 530 12.25 23.99 -23.40
CA GLY A 530 12.14 22.59 -23.80
C GLY A 530 13.43 21.80 -23.96
N ARG A 531 14.59 22.47 -23.92
CA ARG A 531 15.88 21.78 -24.08
C ARG A 531 16.50 21.51 -22.71
N GLN A 532 16.90 20.27 -22.45
CA GLN A 532 17.51 19.93 -21.17
C GLN A 532 18.86 20.64 -20.97
N GLN A 533 19.06 21.17 -19.77
CA GLN A 533 20.31 21.84 -19.43
C GLN A 533 21.22 20.91 -18.65
N GLN A 534 22.43 21.38 -18.36
CA GLN A 534 23.33 20.63 -17.50
C GLN A 534 22.68 20.44 -16.11
N ASP A 535 22.91 19.29 -15.49
CA ASP A 535 22.47 19.02 -14.11
C ASP A 535 23.16 19.93 -13.10
N TYR A 536 22.51 20.15 -11.95
CA TYR A 536 23.05 21.02 -10.90
C TYR A 536 22.78 20.35 -9.54
N TRP A 537 23.65 20.59 -8.55
CA TRP A 537 23.39 20.11 -7.18
C TRP A 537 23.21 21.32 -6.28
N LEU A 538 22.04 21.42 -5.65
CA LEU A 538 21.81 22.46 -4.67
C LEU A 538 22.19 21.90 -3.31
N ILE A 539 23.19 22.51 -2.67
CA ILE A 539 23.68 21.95 -1.40
C ILE A 539 23.36 22.83 -0.19
N ASP A 540 23.08 24.10 -0.46
CA ASP A 540 22.88 25.13 0.56
C ASP A 540 21.43 25.56 0.50
N VAL A 541 21.01 26.42 1.44
CA VAL A 541 19.67 26.99 1.41
C VAL A 541 19.43 27.97 0.24
N ARG A 542 20.50 28.51 -0.32
CA ARG A 542 20.41 29.46 -1.44
C ARG A 542 21.69 29.35 -2.27
N ALA A 543 21.58 29.62 -3.58
CA ALA A 543 22.73 29.62 -4.47
C ALA A 543 22.34 30.46 -5.68
N GLN A 544 23.31 30.74 -6.54
CA GLN A 544 23.04 31.46 -7.79
C GLN A 544 23.76 30.71 -8.89
N ASN A 545 23.08 30.55 -10.02
CA ASN A 545 23.73 29.99 -11.19
C ASN A 545 23.00 30.45 -12.44
N ASP A 546 23.75 30.82 -13.47
CA ASP A 546 23.16 31.28 -14.73
C ASP A 546 22.25 30.24 -15.41
N LEU A 547 22.34 28.97 -15.00
CA LEU A 547 21.40 27.94 -15.48
C LEU A 547 19.95 28.36 -15.21
N PHE A 548 19.76 29.16 -14.15
CA PHE A 548 18.42 29.50 -13.68
C PHE A 548 18.02 30.94 -13.98
N SER A 549 18.89 31.64 -14.72
CA SER A 549 18.60 33.03 -15.14
C SER A 549 18.02 33.00 -16.56
N THR A 550 17.00 33.83 -16.80
CA THR A 550 16.41 33.97 -18.14
C THR A 550 16.32 35.45 -18.52
N SER A 551 16.22 35.71 -19.82
CA SER A 551 15.90 37.06 -20.30
C SER A 551 15.07 36.94 -21.58
N GLY A 552 14.34 38.00 -21.91
CA GLY A 552 13.47 37.98 -23.10
C GLY A 552 12.34 37.00 -22.91
N ASN A 553 12.09 36.17 -23.91
CA ASN A 553 10.94 35.25 -23.89
C ASN A 553 11.19 33.86 -23.27
N GLU A 554 12.44 33.61 -22.90
CA GLU A 554 12.88 32.31 -22.41
C GLU A 554 12.17 31.95 -21.13
N TRP A 555 11.79 30.67 -20.99
CA TRP A 555 11.34 30.14 -19.69
C TRP A 555 12.24 28.98 -19.27
N VAL A 556 12.29 28.72 -17.96
CA VAL A 556 12.90 27.48 -17.50
C VAL A 556 11.92 26.72 -16.60
N LEU A 557 12.10 25.40 -16.54
CA LEU A 557 11.37 24.56 -15.60
C LEU A 557 12.39 23.66 -14.92
N LEU A 558 12.23 23.42 -13.61
CA LEU A 558 13.13 22.51 -12.92
C LEU A 558 12.44 21.16 -12.70
N ASN A 559 13.25 20.11 -12.49
CA ASN A 559 12.75 18.76 -12.18
C ASN A 559 12.10 18.12 -13.40
N LEU A 560 12.89 17.94 -14.46
CA LEU A 560 12.40 17.33 -15.69
C LEU A 560 11.86 15.94 -15.38
N ASN A 561 10.62 15.69 -15.82
CA ASN A 561 9.94 14.42 -15.58
C ASN A 561 9.82 14.03 -14.12
N VAL A 562 9.94 15.03 -13.23
CA VAL A 562 9.74 14.87 -11.80
C VAL A 562 10.47 13.62 -11.29
N THR A 563 11.76 13.55 -11.56
CA THR A 563 12.59 12.48 -11.00
C THR A 563 12.99 12.77 -9.55
N GLY A 564 13.02 14.05 -9.17
CA GLY A 564 13.45 14.49 -7.82
C GLY A 564 12.25 14.67 -6.89
N TYR A 565 12.44 14.33 -5.62
CA TYR A 565 11.38 14.45 -4.60
C TYR A 565 11.30 15.87 -4.02
N TYR A 566 10.86 16.83 -4.85
CA TYR A 566 10.75 18.21 -4.42
C TYR A 566 9.74 18.95 -5.28
N ARG A 567 9.20 20.03 -4.74
CA ARG A 567 8.28 20.91 -5.48
C ARG A 567 9.05 22.14 -5.93
N VAL A 568 8.53 22.83 -6.93
CA VAL A 568 9.22 23.98 -7.50
C VAL A 568 8.31 25.19 -7.59
N ASN A 569 8.82 26.34 -7.14
CA ASN A 569 8.15 27.61 -7.32
C ASN A 569 9.04 28.56 -8.12
N TYR A 570 8.41 29.51 -8.83
CA TYR A 570 9.16 30.47 -9.64
C TYR A 570 8.69 31.86 -9.31
N ASP A 571 9.46 32.85 -9.72
CA ASP A 571 8.97 34.23 -9.74
C ASP A 571 7.73 34.29 -10.67
N GLU A 572 6.88 35.30 -10.47
CA GLU A 572 5.59 35.27 -11.16
C GLU A 572 5.75 35.55 -12.66
N GLU A 573 6.85 36.22 -13.04
CA GLU A 573 7.11 36.41 -14.46
C GLU A 573 7.38 35.09 -15.20
N ASN A 574 8.20 34.23 -14.60
CA ASN A 574 8.41 32.89 -15.20
C ASN A 574 7.12 32.08 -15.20
N TRP A 575 6.31 32.15 -14.14
CA TRP A 575 5.01 31.48 -14.18
C TRP A 575 4.14 31.98 -15.34
N ARG A 576 4.14 33.29 -15.57
CA ARG A 576 3.34 33.84 -16.67
C ARG A 576 3.83 33.34 -18.04
N LYS A 577 5.15 33.20 -18.21
CA LYS A 577 5.75 32.63 -19.43
CA LYS A 577 5.70 32.64 -19.45
C LYS A 577 5.36 31.16 -19.63
N ILE A 578 5.30 30.43 -18.51
CA ILE A 578 4.84 29.03 -18.53
CA ILE A 578 4.85 29.04 -18.55
C ILE A 578 3.37 28.97 -18.97
N GLN A 579 2.54 29.85 -18.39
CA GLN A 579 1.12 29.90 -18.76
C GLN A 579 0.94 30.31 -20.25
N THR A 580 1.80 31.20 -20.72
CA THR A 580 1.78 31.58 -22.14
C THR A 580 2.14 30.39 -23.01
N GLN A 581 3.16 29.64 -22.61
CA GLN A 581 3.53 28.42 -23.32
C GLN A 581 2.39 27.43 -23.34
N LEU A 582 1.68 27.30 -22.22
CA LEU A 582 0.55 26.38 -22.18
C LEU A 582 -0.57 26.80 -23.14
N GLN A 583 -0.74 28.11 -23.33
CA GLN A 583 -1.75 28.63 -24.28
C GLN A 583 -1.28 28.52 -25.75
N ARG A 584 0.00 28.78 -25.99
CA ARG A 584 0.58 28.74 -27.35
C ARG A 584 0.71 27.31 -27.88
N ASP A 585 1.38 26.44 -27.14
CA ASP A 585 1.57 25.07 -27.58
C ASP A 585 1.97 24.26 -26.37
N HIS A 586 0.98 23.67 -25.71
CA HIS A 586 1.24 22.99 -24.44
C HIS A 586 2.14 21.75 -24.62
N SER A 587 2.15 21.22 -25.84
CA SER A 587 3.00 20.05 -26.17
C SER A 587 4.50 20.37 -26.07
N ALA A 588 4.86 21.64 -26.01
CA ALA A 588 6.28 22.02 -25.87
C ALA A 588 6.85 21.69 -24.48
N ILE A 589 5.97 21.48 -23.52
CA ILE A 589 6.36 21.10 -22.16
C ILE A 589 6.15 19.58 -22.01
N PRO A 590 7.15 18.84 -21.50
CA PRO A 590 6.94 17.39 -21.36
C PRO A 590 5.67 17.10 -20.54
N VAL A 591 4.94 16.04 -20.91
CA VAL A 591 3.65 15.70 -20.29
C VAL A 591 3.74 15.58 -18.75
N ILE A 592 4.80 14.96 -18.25
CA ILE A 592 4.95 14.83 -16.79
C ILE A 592 5.05 16.22 -16.16
N ASN A 593 5.78 17.12 -16.81
CA ASN A 593 5.93 18.48 -16.29
C ASN A 593 4.66 19.32 -16.40
N ARG A 594 3.78 19.00 -17.34
N ARG A 594 3.77 19.00 -17.35
CA ARG A 594 2.44 19.63 -17.31
CA ARG A 594 2.43 19.60 -17.34
C ARG A 594 1.68 19.23 -16.04
C ARG A 594 1.67 19.22 -16.06
N ALA A 595 1.76 17.95 -15.67
CA ALA A 595 1.17 17.48 -14.40
C ALA A 595 1.83 18.20 -13.22
N GLN A 596 3.15 18.32 -13.27
CA GLN A 596 3.93 19.03 -12.24
C GLN A 596 3.44 20.48 -12.05
N ILE A 597 3.35 21.22 -13.15
CA ILE A 597 2.95 22.62 -13.08
C ILE A 597 1.60 22.78 -12.35
N ILE A 598 0.68 21.88 -12.68
CA ILE A 598 -0.64 21.91 -12.07
C ILE A 598 -0.58 21.52 -10.58
N ASN A 599 0.02 20.36 -10.31
CA ASN A 599 0.02 19.87 -8.94
C ASN A 599 0.86 20.76 -8.00
N ASP A 600 2.08 21.12 -8.42
CA ASP A 600 2.90 22.04 -7.59
C ASP A 600 2.16 23.35 -7.30
N ALA A 601 1.58 24.00 -8.31
CA ALA A 601 0.95 25.29 -8.06
C ALA A 601 -0.21 25.21 -7.04
N PHE A 602 -1.03 24.18 -7.13
CA PHE A 602 -2.14 24.00 -6.17
C PHE A 602 -1.63 23.82 -4.75
N ASN A 603 -0.57 23.05 -4.60
CA ASN A 603 0.03 22.86 -3.28
C ASN A 603 0.69 24.12 -2.74
N LEU A 604 1.42 24.81 -3.61
CA LEU A 604 1.99 26.11 -3.28
C LEU A 604 0.94 27.12 -2.83
N ALA A 605 -0.22 27.12 -3.49
CA ALA A 605 -1.31 28.04 -3.12
C ALA A 605 -1.79 27.79 -1.69
N SER A 606 -1.96 26.52 -1.34
CA SER A 606 -2.34 26.11 0.02
C SER A 606 -1.36 26.65 1.05
N ALA A 607 -0.07 26.56 0.72
CA ALA A 607 1.00 27.07 1.58
C ALA A 607 1.24 28.58 1.52
N HIS A 608 0.39 29.31 0.78
CA HIS A 608 0.50 30.78 0.68
C HIS A 608 1.77 31.22 -0.05
N LYS A 609 2.27 30.38 -0.97
CA LYS A 609 3.50 30.68 -1.73
C LYS A 609 3.21 31.21 -3.13
N VAL A 610 2.01 30.93 -3.63
CA VAL A 610 1.48 31.59 -4.84
C VAL A 610 0.02 31.92 -4.59
N PRO A 611 -0.51 32.90 -5.33
CA PRO A 611 -1.95 33.15 -5.22
C PRO A 611 -2.74 31.95 -5.74
N VAL A 612 -3.89 31.67 -5.15
CA VAL A 612 -4.71 30.55 -5.62
C VAL A 612 -5.14 30.74 -7.09
N THR A 613 -5.32 31.99 -7.53
CA THR A 613 -5.74 32.22 -8.93
C THR A 613 -4.65 31.82 -9.92
N LEU A 614 -3.39 31.80 -9.47
CA LEU A 614 -2.29 31.32 -10.32
C LEU A 614 -2.44 29.82 -10.55
N ALA A 615 -2.70 29.07 -9.49
CA ALA A 615 -2.93 27.65 -9.59
C ALA A 615 -4.16 27.34 -10.45
N LEU A 616 -5.25 28.08 -10.25
CA LEU A 616 -6.45 27.83 -11.07
C LEU A 616 -6.18 28.19 -12.55
N ASN A 617 -5.47 29.29 -12.77
CA ASN A 617 -5.07 29.67 -14.15
C ASN A 617 -4.27 28.59 -14.86
N ASN A 618 -3.45 27.83 -14.12
CA ASN A 618 -2.74 26.69 -14.70
C ASN A 618 -3.63 25.57 -15.23
N THR A 619 -4.91 25.57 -14.87
CA THR A 619 -5.83 24.55 -15.38
C THR A 619 -6.57 24.96 -16.66
N LEU A 620 -6.44 26.24 -17.05
CA LEU A 620 -7.20 26.75 -18.22
C LEU A 620 -6.91 25.97 -19.51
N PHE A 621 -5.66 25.54 -19.68
CA PHE A 621 -5.28 24.86 -20.94
C PHE A 621 -5.86 23.46 -21.05
N LEU A 622 -6.37 22.92 -19.93
CA LEU A 622 -6.88 21.54 -19.93
C LEU A 622 -8.02 21.31 -20.91
N ILE A 623 -8.70 22.39 -21.29
CA ILE A 623 -9.79 22.30 -22.26
C ILE A 623 -9.32 21.70 -23.59
N GLU A 624 -8.02 21.77 -23.87
CA GLU A 624 -7.49 21.20 -25.10
C GLU A 624 -6.44 20.13 -24.81
N GLU A 625 -6.36 19.70 -23.55
CA GLU A 625 -5.43 18.62 -23.17
C GLU A 625 -6.09 17.25 -23.31
N ARG A 626 -5.45 16.34 -24.06
CA ARG A 626 -5.98 15.00 -24.23
C ARG A 626 -5.25 13.94 -23.41
N GLN A 627 -4.07 14.29 -22.90
CA GLN A 627 -3.25 13.32 -22.14
C GLN A 627 -3.85 13.00 -20.79
N TYR A 628 -3.74 11.73 -20.41
CA TYR A 628 -4.19 11.26 -19.09
C TYR A 628 -3.55 12.06 -17.95
N MET A 629 -2.22 12.13 -17.95
CA MET A 629 -1.51 12.56 -16.72
C MET A 629 -1.84 13.98 -16.23
N PRO A 630 -1.80 14.99 -17.11
CA PRO A 630 -2.09 16.34 -16.59
C PRO A 630 -3.51 16.45 -16.06
N TRP A 631 -4.48 15.84 -16.75
CA TRP A 631 -5.84 15.79 -16.25
C TRP A 631 -5.96 15.09 -14.90
N GLU A 632 -5.30 13.94 -14.75
CA GLU A 632 -5.33 13.23 -13.46
C GLU A 632 -4.70 14.08 -12.35
N ALA A 633 -3.59 14.76 -12.65
CA ALA A 633 -2.97 15.65 -11.64
C ALA A 633 -3.93 16.77 -11.21
N ALA A 634 -4.63 17.36 -12.19
CA ALA A 634 -5.61 18.42 -11.91
C ALA A 634 -6.75 17.90 -11.06
N LEU A 635 -7.29 16.75 -11.44
CA LEU A 635 -8.43 16.16 -10.72
C LEU A 635 -8.05 15.81 -9.28
N SER A 636 -6.83 15.29 -9.10
CA SER A 636 -6.28 15.01 -7.76
C SER A 636 -6.13 16.24 -6.88
N SER A 637 -5.58 17.32 -7.44
CA SER A 637 -5.47 18.57 -6.71
C SER A 637 -6.85 19.17 -6.44
N LEU A 638 -7.74 19.13 -7.44
CA LEU A 638 -9.09 19.67 -7.25
C LEU A 638 -9.96 18.83 -6.31
N SER A 639 -9.56 17.58 -6.06
CA SER A 639 -10.23 16.77 -5.01
C SER A 639 -10.28 17.56 -3.73
N TYR A 640 -9.20 18.25 -3.43
CA TYR A 640 -9.16 19.05 -2.19
C TYR A 640 -10.23 20.17 -2.23
N PHE A 641 -10.38 20.82 -3.38
CA PHE A 641 -11.38 21.87 -3.54
C PHE A 641 -12.79 21.29 -3.36
N LYS A 642 -13.01 20.10 -3.91
CA LYS A 642 -14.29 19.44 -3.72
C LYS A 642 -14.52 19.15 -2.22
N LEU A 643 -13.51 18.59 -1.54
CA LEU A 643 -13.65 18.33 -0.10
C LEU A 643 -13.92 19.59 0.71
N MET A 644 -13.29 20.69 0.32
CA MET A 644 -13.46 21.95 1.05
C MET A 644 -14.78 22.64 0.72
N PHE A 645 -15.26 22.49 -0.52
CA PHE A 645 -16.36 23.32 -1.02
C PHE A 645 -17.66 22.63 -1.41
N ASP A 646 -17.71 21.29 -1.37
CA ASP A 646 -18.95 20.61 -1.88
C ASP A 646 -20.18 20.70 -0.97
N ARG A 647 -20.03 21.42 0.15
CA ARG A 647 -21.17 21.77 0.99
C ARG A 647 -21.31 23.30 1.08
N SER A 648 -20.96 23.99 0.00
CA SER A 648 -20.90 25.44 0.01
C SER A 648 -21.33 26.04 -1.32
N GLU A 649 -21.59 27.35 -1.28
CA GLU A 649 -21.93 28.15 -2.48
C GLU A 649 -20.88 28.08 -3.60
N VAL A 650 -19.66 27.68 -3.26
CA VAL A 650 -18.57 27.61 -4.27
C VAL A 650 -18.78 26.44 -5.22
N TYR A 651 -19.55 25.45 -4.79
CA TYR A 651 -19.61 24.18 -5.53
C TYR A 651 -20.27 24.26 -6.90
N GLY A 652 -21.36 25.01 -6.99
CA GLY A 652 -22.00 25.21 -8.33
C GLY A 652 -21.03 25.74 -9.38
N PRO A 653 -20.41 26.89 -9.10
CA PRO A 653 -19.40 27.43 -10.00
C PRO A 653 -18.23 26.48 -10.26
N MET A 654 -17.74 25.76 -9.23
CA MET A 654 -16.71 24.74 -9.47
C MET A 654 -17.15 23.69 -10.50
N LYS A 655 -18.35 23.14 -10.29
CA LYS A 655 -18.90 22.16 -11.24
C LYS A 655 -19.07 22.76 -12.64
N ASN A 656 -19.58 23.99 -12.71
CA ASN A 656 -19.72 24.68 -14.00
C ASN A 656 -18.38 24.82 -14.73
N TYR A 657 -17.32 25.13 -13.96
CA TYR A 657 -15.98 25.25 -14.53
C TYR A 657 -15.48 23.91 -15.07
N LEU A 658 -15.55 22.84 -14.24
CA LEU A 658 -15.13 21.52 -14.72
C LEU A 658 -15.95 21.02 -15.92
N LYS A 659 -17.23 21.32 -15.92
CA LYS A 659 -18.11 20.97 -17.05
C LYS A 659 -17.59 21.62 -18.34
N LYS A 660 -17.31 22.91 -18.27
CA LYS A 660 -16.73 23.64 -19.40
C LYS A 660 -15.42 23.01 -19.85
N GLN A 661 -14.52 22.78 -18.89
CA GLN A 661 -13.18 22.28 -19.23
C GLN A 661 -13.15 20.91 -19.84
N VAL A 662 -14.11 20.05 -19.48
CA VAL A 662 -14.05 18.65 -19.92
C VAL A 662 -14.93 18.36 -21.15
N THR A 663 -15.84 19.28 -21.47
CA THR A 663 -16.84 18.96 -22.51
C THR A 663 -16.18 18.60 -23.86
N PRO A 664 -15.21 19.42 -24.36
CA PRO A 664 -14.61 19.06 -25.64
C PRO A 664 -13.90 17.71 -25.64
N LEU A 665 -13.23 17.39 -24.53
CA LEU A 665 -12.58 16.06 -24.39
C LEU A 665 -13.62 14.93 -24.42
N PHE A 666 -14.71 15.13 -23.68
CA PHE A 666 -15.77 14.14 -23.66
C PHE A 666 -16.33 13.92 -25.10
N ILE A 667 -16.58 15.03 -25.80
CA ILE A 667 -17.07 14.96 -27.19
C ILE A 667 -16.05 14.30 -28.14
N HIS A 668 -14.77 14.61 -27.92
CA HIS A 668 -13.68 13.94 -28.65
C HIS A 668 -13.75 12.43 -28.49
N PHE A 669 -13.88 11.95 -27.25
CA PHE A 669 -13.96 10.52 -27.04
C PHE A 669 -15.24 9.92 -27.59
N ARG A 670 -16.37 10.64 -27.44
CA ARG A 670 -17.63 10.16 -28.05
C ARG A 670 -17.44 9.86 -29.53
N ASN A 671 -16.79 10.78 -30.23
CA ASN A 671 -16.54 10.63 -31.66
C ASN A 671 -15.47 9.57 -32.00
N ASN A 672 -14.36 9.59 -31.27
CA ASN A 672 -13.22 8.71 -31.51
C ASN A 672 -13.49 7.23 -31.21
N THR A 673 -14.43 6.96 -30.33
CA THR A 673 -14.73 5.58 -29.92
C THR A 673 -15.89 5.05 -30.76
N ASN A 674 -16.26 5.82 -31.79
CA ASN A 674 -17.45 5.55 -32.60
C ASN A 674 -18.65 5.32 -31.69
N ASN A 675 -19.02 6.41 -30.99
CA ASN A 675 -20.06 6.36 -29.96
C ASN A 675 -19.95 5.21 -28.96
N TRP A 676 -18.80 5.12 -28.28
CA TRP A 676 -18.52 4.16 -27.21
C TRP A 676 -18.50 2.68 -27.66
N ARG A 677 -18.39 2.44 -28.97
CA ARG A 677 -18.28 1.07 -29.48
C ARG A 677 -16.87 0.48 -29.30
N GLU A 678 -15.87 1.35 -29.21
CA GLU A 678 -14.46 0.93 -29.12
C GLU A 678 -13.77 1.64 -27.96
N ILE A 679 -12.62 1.10 -27.57
CA ILE A 679 -11.74 1.78 -26.59
C ILE A 679 -10.42 2.13 -27.28
N PRO A 680 -9.74 3.21 -26.83
CA PRO A 680 -8.44 3.57 -27.39
C PRO A 680 -7.41 2.44 -27.33
N GLU A 681 -6.45 2.46 -28.24
CA GLU A 681 -5.41 1.42 -28.27
C GLU A 681 -4.43 1.57 -27.11
N ASN A 682 -3.99 2.80 -26.85
CA ASN A 682 -2.95 3.09 -25.87
C ASN A 682 -3.54 3.11 -24.45
N LEU A 683 -2.83 2.54 -23.48
CA LEU A 683 -3.34 2.44 -22.10
C LEU A 683 -3.61 3.82 -21.51
N MET A 684 -2.68 4.77 -21.70
CA MET A 684 -2.90 6.11 -21.11
C MET A 684 -4.14 6.77 -21.71
N ASP A 685 -4.34 6.61 -23.02
CA ASP A 685 -5.57 7.14 -23.65
C ASP A 685 -6.82 6.45 -23.11
N GLN A 686 -6.75 5.15 -22.83
CA GLN A 686 -7.86 4.46 -22.18
C GLN A 686 -8.20 5.10 -20.83
N TYR A 687 -7.18 5.40 -20.05
CA TYR A 687 -7.39 6.05 -18.75
C TYR A 687 -7.91 7.48 -18.90
N SER A 688 -7.43 8.20 -19.90
CA SER A 688 -7.92 9.56 -20.18
C SER A 688 -9.41 9.52 -20.50
N GLU A 689 -9.81 8.52 -21.28
CA GLU A 689 -11.23 8.36 -21.63
C GLU A 689 -12.09 8.15 -20.38
N VAL A 690 -11.64 7.28 -19.48
CA VAL A 690 -12.40 7.01 -18.27
C VAL A 690 -12.52 8.28 -17.43
N ASN A 691 -11.41 9.03 -17.27
CA ASN A 691 -11.48 10.27 -16.49
C ASN A 691 -12.38 11.31 -17.17
N ALA A 692 -12.34 11.38 -18.49
CA ALA A 692 -13.24 12.32 -19.21
C ALA A 692 -14.73 12.00 -18.93
N ILE A 693 -15.09 10.71 -18.97
CA ILE A 693 -16.48 10.31 -18.65
C ILE A 693 -16.83 10.63 -17.19
N SER A 694 -15.97 10.20 -16.27
N SER A 694 -15.98 10.21 -16.26
CA SER A 694 -16.19 10.45 -14.85
CA SER A 694 -16.20 10.46 -14.83
C SER A 694 -16.37 11.94 -14.55
C SER A 694 -16.38 11.95 -14.54
N THR A 695 -15.47 12.75 -15.08
CA THR A 695 -15.51 14.20 -14.88
C THR A 695 -16.72 14.85 -15.55
N ALA A 696 -17.04 14.45 -16.77
CA ALA A 696 -18.23 15.00 -17.46
C ALA A 696 -19.52 14.73 -16.68
N CYS A 697 -19.67 13.48 -16.20
CA CYS A 697 -20.89 13.07 -15.52
C CYS A 697 -21.01 13.68 -14.13
N SER A 698 -19.92 13.67 -13.34
CA SER A 698 -19.91 14.30 -12.01
C SER A 698 -20.24 15.77 -12.06
N ASN A 699 -19.89 16.43 -13.15
CA ASN A 699 -20.04 17.90 -13.20
C ASN A 699 -21.17 18.40 -14.09
N GLY A 700 -21.98 17.48 -14.57
CA GLY A 700 -23.27 17.79 -15.19
C GLY A 700 -23.32 17.98 -16.69
N VAL A 701 -22.41 17.35 -17.42
CA VAL A 701 -22.47 17.39 -18.89
C VAL A 701 -23.69 16.56 -19.31
N PRO A 702 -24.70 17.19 -19.94
CA PRO A 702 -25.93 16.41 -20.18
C PRO A 702 -25.75 15.17 -21.07
N GLU A 703 -24.87 15.24 -22.07
CA GLU A 703 -24.64 14.09 -22.94
C GLU A 703 -24.07 12.88 -22.15
N CYS A 704 -23.29 13.18 -21.12
CA CYS A 704 -22.73 12.11 -20.28
C CYS A 704 -23.81 11.46 -19.44
N GLU A 705 -24.62 12.27 -18.75
CA GLU A 705 -25.70 11.74 -17.91
C GLU A 705 -26.62 10.83 -18.74
N GLU A 706 -26.97 11.28 -19.95
CA GLU A 706 -27.81 10.49 -20.87
C GLU A 706 -27.15 9.18 -21.27
N MET A 707 -25.85 9.25 -21.57
CA MET A 707 -25.12 8.05 -21.96
C MET A 707 -25.11 7.01 -20.85
N VAL A 708 -24.75 7.41 -19.62
CA VAL A 708 -24.58 6.41 -18.55
C VAL A 708 -25.92 5.84 -18.13
N SER A 709 -26.94 6.69 -18.07
CA SER A 709 -28.26 6.20 -17.67
C SER A 709 -28.84 5.26 -18.75
N GLY A 710 -28.62 5.61 -20.01
CA GLY A 710 -29.05 4.79 -21.14
C GLY A 710 -28.40 3.42 -21.14
N LEU A 711 -27.08 3.37 -20.93
CA LEU A 711 -26.37 2.09 -20.91
C LEU A 711 -26.80 1.20 -19.75
N PHE A 712 -26.95 1.80 -18.57
CA PHE A 712 -27.33 1.04 -17.38
C PHE A 712 -28.75 0.48 -17.55
N LYS A 713 -29.63 1.29 -18.13
CA LYS A 713 -31.00 0.85 -18.42
C LYS A 713 -31.00 -0.35 -19.40
N GLN A 714 -30.17 -0.27 -20.43
CA GLN A 714 -30.03 -1.35 -21.40
C GLN A 714 -29.54 -2.65 -20.72
N TRP A 715 -28.60 -2.50 -19.79
CA TRP A 715 -28.16 -3.63 -18.98
C TRP A 715 -29.28 -4.22 -18.13
N MET A 716 -30.02 -3.37 -17.40
CA MET A 716 -31.17 -3.84 -16.63
C MET A 716 -32.18 -4.62 -17.47
N GLU A 717 -32.35 -4.22 -18.72
CA GLU A 717 -33.26 -4.90 -19.64
C GLU A 717 -32.71 -6.23 -20.18
N ASN A 718 -31.40 -6.43 -20.08
CA ASN A 718 -30.71 -7.63 -20.57
C ASN A 718 -29.60 -8.05 -19.60
N PRO A 719 -29.94 -8.46 -18.37
CA PRO A 719 -28.91 -8.61 -17.32
C PRO A 719 -27.75 -9.53 -17.69
N ASN A 720 -28.02 -10.56 -18.49
CA ASN A 720 -26.96 -11.49 -18.88
C ASN A 720 -26.13 -11.03 -20.07
N ASN A 721 -26.49 -9.89 -20.65
CA ASN A 721 -25.72 -9.32 -21.76
C ASN A 721 -25.32 -7.87 -21.49
N ASN A 722 -24.34 -7.73 -20.60
CA ASN A 722 -23.88 -6.42 -20.18
C ASN A 722 -23.28 -5.65 -21.37
N PRO A 723 -23.89 -4.51 -21.76
CA PRO A 723 -23.44 -3.73 -22.91
C PRO A 723 -22.30 -2.75 -22.60
N ILE A 724 -21.83 -2.73 -21.36
CA ILE A 724 -20.86 -1.72 -20.92
C ILE A 724 -19.44 -2.30 -20.94
N HIS A 725 -18.54 -1.69 -21.70
CA HIS A 725 -17.16 -2.18 -21.76
C HIS A 725 -16.58 -2.15 -20.34
N PRO A 726 -15.85 -3.22 -19.95
CA PRO A 726 -15.25 -3.28 -18.61
C PRO A 726 -14.52 -2.02 -18.15
N ASN A 727 -13.83 -1.31 -19.04
CA ASN A 727 -13.13 -0.07 -18.65
C ASN A 727 -14.08 1.00 -18.10
N LEU A 728 -15.32 0.99 -18.59
CA LEU A 728 -16.30 2.03 -18.31
C LEU A 728 -17.22 1.66 -17.13
N ARG A 729 -17.15 0.41 -16.69
CA ARG A 729 -18.13 -0.08 -15.72
C ARG A 729 -18.16 0.68 -14.38
N SER A 730 -17.00 0.93 -13.79
CA SER A 730 -17.02 1.64 -12.50
C SER A 730 -17.72 2.98 -12.61
N THR A 731 -17.38 3.74 -13.65
CA THR A 731 -17.93 5.06 -13.75
C THR A 731 -19.40 5.07 -14.23
N VAL A 732 -19.76 4.14 -15.12
CA VAL A 732 -21.15 4.03 -15.57
C VAL A 732 -22.02 3.58 -14.41
N TYR A 733 -21.58 2.58 -13.67
CA TYR A 733 -22.38 2.07 -12.55
C TYR A 733 -22.60 3.16 -11.50
N CYS A 734 -21.53 3.86 -11.14
CA CYS A 734 -21.63 4.88 -10.08
C CYS A 734 -22.58 6.00 -10.53
N ASN A 735 -22.39 6.50 -11.74
CA ASN A 735 -23.20 7.62 -12.19
C ASN A 735 -24.64 7.26 -12.51
N ALA A 736 -24.86 6.06 -13.03
CA ALA A 736 -26.24 5.56 -13.22
C ALA A 736 -26.98 5.40 -11.89
N ILE A 737 -26.29 4.93 -10.86
CA ILE A 737 -26.89 4.88 -9.51
C ILE A 737 -27.17 6.29 -8.95
N ALA A 738 -26.22 7.21 -9.15
CA ALA A 738 -26.37 8.58 -8.66
C ALA A 738 -27.57 9.28 -9.34
N GLN A 739 -27.73 9.03 -10.65
CA GLN A 739 -28.81 9.63 -11.44
C GLN A 739 -30.15 8.96 -11.24
N GLY A 740 -30.12 7.71 -10.76
CA GLY A 740 -31.33 6.91 -10.63
C GLY A 740 -31.90 6.88 -9.24
N GLY A 741 -32.57 5.77 -8.92
CA GLY A 741 -33.25 5.65 -7.67
C GLY A 741 -33.17 4.24 -7.16
N GLU A 742 -34.16 3.89 -6.35
CA GLU A 742 -34.23 2.61 -5.68
C GLU A 742 -34.10 1.42 -6.66
N GLU A 743 -34.70 1.55 -7.84
CA GLU A 743 -34.70 0.46 -8.81
C GLU A 743 -33.29 0.10 -9.34
N GLU A 744 -32.54 1.13 -9.72
CA GLU A 744 -31.15 0.96 -10.15
C GLU A 744 -30.30 0.39 -9.00
N TRP A 745 -30.51 0.90 -7.79
CA TRP A 745 -29.72 0.49 -6.64
C TRP A 745 -29.95 -0.99 -6.33
N ASP A 746 -31.23 -1.38 -6.29
CA ASP A 746 -31.61 -2.75 -6.00
C ASP A 746 -31.09 -3.71 -7.05
N PHE A 747 -31.12 -3.30 -8.33
CA PHE A 747 -30.56 -4.11 -9.40
C PHE A 747 -29.06 -4.34 -9.19
N ALA A 748 -28.34 -3.26 -8.90
CA ALA A 748 -26.89 -3.36 -8.69
C ALA A 748 -26.55 -4.21 -7.46
N TRP A 749 -27.36 -4.09 -6.39
CA TRP A 749 -27.15 -4.88 -5.19
C TRP A 749 -27.35 -6.36 -5.46
N GLU A 750 -28.37 -6.70 -6.24
CA GLU A 750 -28.58 -8.12 -6.57
C GLU A 750 -27.43 -8.64 -7.45
N GLN A 751 -26.96 -7.81 -8.38
CA GLN A 751 -25.78 -8.17 -9.18
C GLN A 751 -24.54 -8.41 -8.33
N PHE A 752 -24.35 -7.55 -7.33
CA PHE A 752 -23.26 -7.71 -6.37
C PHE A 752 -23.39 -9.04 -5.62
N ARG A 753 -24.57 -9.31 -5.06
CA ARG A 753 -24.79 -10.53 -4.27
C ARG A 753 -24.57 -11.80 -5.09
N ASN A 754 -24.90 -11.73 -6.38
CA ASN A 754 -24.78 -12.87 -7.29
C ASN A 754 -23.46 -12.90 -8.08
N ALA A 755 -22.51 -12.01 -7.76
CA ALA A 755 -21.28 -11.84 -8.57
C ALA A 755 -20.43 -13.11 -8.59
N THR A 756 -19.84 -13.42 -9.72
CA THR A 756 -18.88 -14.53 -9.78
C THR A 756 -17.50 -14.04 -10.25
N LEU A 757 -17.25 -12.74 -10.12
CA LEU A 757 -15.91 -12.16 -10.29
C LEU A 757 -15.64 -11.05 -9.27
N VAL A 758 -14.47 -11.10 -8.61
CA VAL A 758 -14.18 -10.12 -7.56
C VAL A 758 -14.10 -8.74 -8.20
N ASN A 759 -13.46 -8.64 -9.38
CA ASN A 759 -13.40 -7.39 -10.15
C ASN A 759 -14.79 -6.81 -10.39
N GLU A 760 -15.77 -7.64 -10.78
CA GLU A 760 -17.13 -7.11 -11.00
C GLU A 760 -17.80 -6.72 -9.68
N ALA A 761 -17.68 -7.57 -8.65
CA ALA A 761 -18.25 -7.23 -7.32
C ALA A 761 -17.69 -5.93 -6.78
N ASP A 762 -16.39 -5.71 -6.95
CA ASP A 762 -15.75 -4.49 -6.45
C ASP A 762 -16.31 -3.23 -7.09
N LYS A 763 -16.54 -3.27 -8.40
CA LYS A 763 -17.09 -2.11 -9.14
C LYS A 763 -18.50 -1.82 -8.64
N LEU A 764 -19.31 -2.88 -8.48
CA LEU A 764 -20.67 -2.70 -7.95
C LEU A 764 -20.67 -2.17 -6.52
N ARG A 765 -19.80 -2.74 -5.67
CA ARG A 765 -19.70 -2.33 -4.27
C ARG A 765 -19.39 -0.82 -4.13
N ALA A 766 -18.45 -0.32 -4.93
CA ALA A 766 -18.15 1.12 -4.93
C ALA A 766 -19.34 1.92 -5.49
N ALA A 767 -19.94 1.43 -6.58
CA ALA A 767 -21.06 2.16 -7.22
C ALA A 767 -22.25 2.39 -6.29
N LEU A 768 -22.55 1.38 -5.47
CA LEU A 768 -23.69 1.46 -4.56
C LEU A 768 -23.55 2.60 -3.58
N ALA A 769 -22.32 3.01 -3.31
CA ALA A 769 -22.09 4.15 -2.43
C ALA A 769 -22.37 5.51 -3.11
N CYS A 770 -22.72 5.49 -4.40
CA CYS A 770 -22.97 6.76 -5.13
C CYS A 770 -24.43 7.25 -5.04
N SER A 771 -25.27 6.53 -4.33
CA SER A 771 -26.66 6.97 -4.16
C SER A 771 -26.70 8.37 -3.56
N LYS A 772 -27.58 9.24 -4.07
CA LYS A 772 -27.77 10.55 -3.43
C LYS A 772 -28.79 10.50 -2.28
N GLU A 773 -29.38 9.34 -2.02
CA GLU A 773 -30.46 9.23 -1.03
C GLU A 773 -29.87 8.83 0.32
N LEU A 774 -30.06 9.69 1.32
CA LEU A 774 -29.54 9.40 2.66
C LEU A 774 -30.05 8.09 3.24
N TRP A 775 -31.34 7.78 3.03
CA TRP A 775 -31.88 6.54 3.58
C TRP A 775 -31.19 5.28 2.99
N ILE A 776 -30.87 5.35 1.70
CA ILE A 776 -30.17 4.26 1.00
C ILE A 776 -28.73 4.14 1.50
N LEU A 777 -28.05 5.27 1.68
CA LEU A 777 -26.69 5.22 2.25
C LEU A 777 -26.68 4.64 3.66
N ASN A 778 -27.68 5.02 4.49
CA ASN A 778 -27.81 4.45 5.84
C ASN A 778 -28.02 2.94 5.80
N ARG A 779 -28.95 2.49 4.96
CA ARG A 779 -29.20 1.05 4.80
C ARG A 779 -27.91 0.34 4.32
N TYR A 780 -27.19 0.96 3.40
CA TYR A 780 -25.96 0.35 2.86
C TYR A 780 -24.87 0.27 3.94
N LEU A 781 -24.75 1.32 4.74
CA LEU A 781 -23.83 1.28 5.88
C LEU A 781 -24.12 0.08 6.82
N SER A 782 -25.40 -0.20 7.06
CA SER A 782 -25.76 -1.36 7.89
C SER A 782 -25.28 -2.69 7.23
N TYR A 783 -25.32 -2.79 5.90
CA TYR A 783 -24.84 -4.00 5.20
C TYR A 783 -23.31 -4.22 5.33
N THR A 784 -22.54 -3.14 5.38
CA THR A 784 -21.07 -3.24 5.47
C THR A 784 -20.63 -3.97 6.71
N LEU A 785 -21.47 -3.94 7.74
CA LEU A 785 -21.20 -4.52 9.04
C LEU A 785 -21.73 -5.95 9.19
N ASN A 786 -22.31 -6.47 8.11
CA ASN A 786 -22.87 -7.82 8.11
C ASN A 786 -22.02 -8.73 7.22
N PRO A 787 -21.22 -9.61 7.84
CA PRO A 787 -20.28 -10.47 7.12
C PRO A 787 -20.95 -11.48 6.19
N ASP A 788 -22.25 -11.68 6.31
CA ASP A 788 -22.99 -12.52 5.37
C ASP A 788 -23.29 -11.76 4.07
N LEU A 789 -23.17 -10.44 4.12
CA LEU A 789 -23.49 -9.60 2.97
C LEU A 789 -22.27 -9.01 2.30
N ILE A 790 -21.38 -8.41 3.10
CA ILE A 790 -20.11 -7.88 2.60
C ILE A 790 -18.99 -8.56 3.40
N ARG A 791 -18.06 -9.20 2.68
CA ARG A 791 -16.96 -9.90 3.34
C ARG A 791 -16.22 -8.94 4.27
N LYS A 792 -15.78 -9.43 5.43
CA LYS A 792 -15.06 -8.59 6.40
C LYS A 792 -13.89 -7.87 5.76
N GLN A 793 -13.17 -8.54 4.85
CA GLN A 793 -12.03 -7.92 4.12
C GLN A 793 -12.41 -6.62 3.41
N ASP A 794 -13.70 -6.44 3.16
CA ASP A 794 -14.18 -5.30 2.35
C ASP A 794 -14.98 -4.26 3.15
N ALA A 795 -15.14 -4.48 4.45
CA ALA A 795 -16.04 -3.65 5.26
C ALA A 795 -15.57 -2.19 5.28
N THR A 796 -14.34 -1.95 5.71
CA THR A 796 -13.92 -0.54 5.89
C THR A 796 -13.71 0.16 4.55
N SER A 797 -13.29 -0.58 3.52
CA SER A 797 -13.21 -0.03 2.16
C SER A 797 -14.59 0.51 1.69
N THR A 798 -15.65 -0.24 2.00
CA THR A 798 -16.99 0.18 1.58
C THR A 798 -17.45 1.37 2.40
N ILE A 799 -17.15 1.37 3.70
CA ILE A 799 -17.44 2.53 4.54
C ILE A 799 -16.77 3.81 4.02
N ILE A 800 -15.52 3.68 3.58
CA ILE A 800 -14.79 4.80 2.97
C ILE A 800 -15.50 5.32 1.70
N SER A 801 -15.97 4.39 0.85
CA SER A 801 -16.72 4.80 -0.35
C SER A 801 -17.96 5.62 0.02
N ILE A 802 -18.64 5.23 1.11
CA ILE A 802 -19.83 5.95 1.58
C ILE A 802 -19.47 7.35 2.10
N THR A 803 -18.41 7.45 2.90
CA THR A 803 -18.05 8.78 3.44
C THR A 803 -17.52 9.75 2.37
N ASN A 804 -17.02 9.23 1.26
CA ASN A 804 -16.58 10.05 0.14
C ASN A 804 -17.73 10.76 -0.56
N ASN A 805 -18.93 10.17 -0.48
CA ASN A 805 -20.17 10.77 -0.99
C ASN A 805 -20.57 11.92 -0.06
N VAL A 806 -20.83 13.10 -0.60
CA VAL A 806 -21.11 14.27 0.25
C VAL A 806 -22.28 14.01 1.20
N ILE A 807 -23.26 13.23 0.73
CA ILE A 807 -24.45 12.88 1.53
C ILE A 807 -24.09 11.84 2.63
N GLY A 808 -22.99 11.11 2.41
CA GLY A 808 -22.51 10.09 3.36
C GLY A 808 -21.58 10.63 4.45
N GLN A 809 -21.11 11.87 4.30
CA GLN A 809 -20.14 12.49 5.24
C GLN A 809 -20.64 12.47 6.71
N GLY A 810 -21.80 13.10 6.92
CA GLY A 810 -22.35 13.25 8.28
C GLY A 810 -22.69 11.87 8.82
N LEU A 811 -23.34 11.07 7.98
CA LEU A 811 -23.69 9.71 8.30
C LEU A 811 -22.51 8.88 8.86
N VAL A 812 -21.39 8.90 8.14
CA VAL A 812 -20.29 8.03 8.53
C VAL A 812 -19.54 8.63 9.72
N TRP A 813 -19.36 9.95 9.72
CA TRP A 813 -18.63 10.58 10.86
C TRP A 813 -19.41 10.34 12.16
N ASP A 814 -20.73 10.51 12.11
CA ASP A 814 -21.54 10.26 13.31
C ASP A 814 -21.45 8.80 13.73
N PHE A 815 -21.46 7.90 12.75
CA PHE A 815 -21.29 6.47 13.01
C PHE A 815 -19.93 6.17 13.67
N VAL A 816 -18.85 6.77 13.16
CA VAL A 816 -17.50 6.53 13.69
C VAL A 816 -17.40 7.01 15.16
N GLN A 817 -17.92 8.21 15.42
CA GLN A 817 -17.94 8.75 16.80
C GLN A 817 -18.75 7.86 17.73
N SER A 818 -19.83 7.25 17.21
CA SER A 818 -20.76 6.46 18.07
C SER A 818 -20.39 4.98 18.21
N ASN A 819 -19.44 4.51 17.42
CA ASN A 819 -19.11 3.08 17.38
C ASN A 819 -17.61 2.81 17.44
N TRP A 820 -16.88 3.69 18.13
CA TRP A 820 -15.42 3.59 18.09
C TRP A 820 -14.89 2.25 18.63
N LYS A 821 -15.40 1.78 19.76
CA LYS A 821 -14.89 0.48 20.30
C LYS A 821 -15.10 -0.69 19.34
N LYS A 822 -16.30 -0.78 18.78
CA LYS A 822 -16.61 -1.77 17.76
C LYS A 822 -15.64 -1.72 16.58
N LEU A 823 -15.39 -0.52 16.05
CA LEU A 823 -14.51 -0.43 14.88
C LEU A 823 -13.08 -0.80 15.26
N PHE A 824 -12.64 -0.29 16.41
CA PHE A 824 -11.29 -0.54 16.89
C PHE A 824 -11.04 -2.03 17.11
N ASN A 825 -11.97 -2.68 17.83
CA ASN A 825 -11.81 -4.10 18.18
C ASN A 825 -12.06 -5.08 17.05
N ASP A 826 -13.09 -4.83 16.25
CA ASP A 826 -13.52 -5.80 15.26
C ASP A 826 -13.17 -5.47 13.80
N TYR A 827 -12.74 -4.23 13.54
CA TYR A 827 -12.50 -3.81 12.16
C TYR A 827 -11.10 -3.30 11.91
N GLY A 828 -10.15 -3.89 12.64
CA GLY A 828 -8.72 -3.76 12.31
C GLY A 828 -8.02 -2.58 12.93
N GLY A 829 -8.41 -2.23 14.16
CA GLY A 829 -7.80 -1.09 14.89
C GLY A 829 -6.28 -1.19 15.05
N GLY A 830 -5.72 -2.39 14.96
CA GLY A 830 -4.26 -2.56 15.05
C GLY A 830 -3.62 -2.96 13.73
N SER A 831 -4.38 -2.89 12.64
CA SER A 831 -3.92 -3.41 11.35
C SER A 831 -3.67 -2.33 10.30
N PHE A 832 -3.46 -2.77 9.05
CA PHE A 832 -2.88 -1.94 8.01
C PHE A 832 -3.76 -0.81 7.48
N SER A 833 -5.06 -1.04 7.38
CA SER A 833 -5.89 -0.08 6.65
C SER A 833 -6.69 0.89 7.52
N PHE A 834 -6.44 0.87 8.82
CA PHE A 834 -7.22 1.64 9.78
C PHE A 834 -7.02 3.15 9.63
N SER A 835 -5.78 3.55 9.31
CA SER A 835 -5.49 4.95 9.05
C SER A 835 -6.32 5.48 7.88
N ASN A 836 -6.58 4.63 6.88
CA ASN A 836 -7.37 5.03 5.72
C ASN A 836 -8.78 5.49 6.13
N LEU A 837 -9.38 4.83 7.11
CA LEU A 837 -10.74 5.16 7.55
C LEU A 837 -10.75 6.52 8.25
N ILE A 838 -9.77 6.73 9.13
CA ILE A 838 -9.69 7.99 9.85
C ILE A 838 -9.45 9.13 8.83
N GLN A 839 -8.53 8.90 7.89
CA GLN A 839 -8.24 9.89 6.88
C GLN A 839 -9.49 10.24 6.06
N ALA A 840 -10.19 9.22 5.58
CA ALA A 840 -11.36 9.45 4.72
C ALA A 840 -12.50 10.21 5.42
N VAL A 841 -12.81 9.84 6.66
CA VAL A 841 -13.93 10.45 7.35
C VAL A 841 -13.66 11.90 7.78
N THR A 842 -12.39 12.26 7.95
CA THR A 842 -12.04 13.60 8.45
C THR A 842 -11.59 14.57 7.38
N ARG A 843 -11.31 14.10 6.17
CA ARG A 843 -10.67 15.01 5.22
C ARG A 843 -11.56 16.18 4.72
N ARG A 844 -12.88 16.08 4.86
CA ARG A 844 -13.76 17.22 4.60
C ARG A 844 -13.72 18.31 5.68
N PHE A 845 -13.21 18.01 6.88
CA PHE A 845 -13.39 18.96 8.00
C PHE A 845 -12.77 20.32 7.68
N SER A 846 -13.56 21.38 7.82
CA SER A 846 -13.08 22.73 7.49
C SER A 846 -13.74 23.79 8.38
N THR A 847 -14.34 23.35 9.48
CA THR A 847 -15.11 24.24 10.37
C THR A 847 -14.67 24.03 11.81
N GLU A 848 -14.79 25.10 12.60
CA GLU A 848 -14.54 25.00 14.05
C GLU A 848 -15.43 23.93 14.68
N TYR A 849 -16.66 23.82 14.19
CA TYR A 849 -17.60 22.82 14.72
C TYR A 849 -17.03 21.40 14.55
N GLU A 850 -16.59 21.08 13.33
CA GLU A 850 -16.01 19.77 13.07
C GLU A 850 -14.71 19.55 13.86
N LEU A 851 -13.89 20.59 13.96
CA LEU A 851 -12.64 20.49 14.74
C LEU A 851 -12.94 20.12 16.19
N GLN A 852 -13.91 20.82 16.78
CA GLN A 852 -14.34 20.53 18.16
C GLN A 852 -14.85 19.10 18.30
N GLN A 853 -15.62 18.60 17.33
CA GLN A 853 -16.00 17.18 17.35
C GLN A 853 -14.79 16.26 17.32
N LEU A 854 -13.82 16.58 16.47
CA LEU A 854 -12.62 15.75 16.34
C LEU A 854 -11.81 15.76 17.66
N GLU A 855 -11.68 16.94 18.27
CA GLU A 855 -10.93 17.04 19.53
C GLU A 855 -11.65 16.24 20.63
N GLN A 856 -12.97 16.33 20.63
CA GLN A 856 -13.77 15.61 21.64
C GLN A 856 -13.71 14.12 21.40
N PHE A 857 -13.68 13.71 20.13
CA PHE A 857 -13.50 12.31 19.77
C PHE A 857 -12.17 11.79 20.33
N LYS A 858 -11.11 12.58 20.20
CA LYS A 858 -9.80 12.17 20.73
C LYS A 858 -9.89 11.98 22.26
N LYS A 859 -10.48 12.97 22.94
CA LYS A 859 -10.63 12.94 24.41
C LYS A 859 -11.47 11.77 24.89
N ASP A 860 -12.61 11.57 24.24
CA ASP A 860 -13.56 10.52 24.61
C ASP A 860 -13.03 9.10 24.46
N ASN A 861 -12.04 8.91 23.60
CA ASN A 861 -11.56 7.59 23.30
C ASN A 861 -10.12 7.35 23.75
N GLU A 862 -9.64 8.20 24.65
CA GLU A 862 -8.29 8.08 25.21
C GLU A 862 -7.98 6.66 25.69
N GLU A 863 -8.94 6.06 26.41
CA GLU A 863 -8.77 4.74 27.02
C GLU A 863 -8.64 3.61 26.00
N THR A 864 -9.46 3.65 24.96
CA THR A 864 -9.33 2.69 23.87
C THR A 864 -8.06 2.99 23.06
N GLY A 865 -7.79 4.27 22.85
CA GLY A 865 -6.72 4.70 21.95
C GLY A 865 -7.13 4.48 20.50
N PHE A 866 -6.15 4.63 19.61
CA PHE A 866 -6.44 4.70 18.18
C PHE A 866 -5.58 3.73 17.39
N GLY A 867 -4.86 2.86 18.11
CA GLY A 867 -4.10 1.77 17.48
C GLY A 867 -3.20 2.24 16.35
N SER A 868 -3.32 1.59 15.20
CA SER A 868 -2.48 1.93 14.04
C SER A 868 -2.97 3.21 13.32
N GLY A 869 -4.01 3.84 13.86
CA GLY A 869 -4.50 5.14 13.35
C GLY A 869 -4.10 6.34 14.18
N THR A 870 -3.17 6.15 15.12
CA THR A 870 -2.77 7.23 16.06
C THR A 870 -2.18 8.43 15.32
N ARG A 871 -1.21 8.17 14.44
CA ARG A 871 -0.63 9.28 13.67
C ARG A 871 -1.67 9.92 12.75
N ALA A 872 -2.55 9.10 12.14
CA ALA A 872 -3.59 9.64 11.26
C ALA A 872 -4.50 10.64 11.99
N LEU A 873 -4.79 10.38 13.27
CA LEU A 873 -5.61 11.30 14.06
C LEU A 873 -4.86 12.62 14.27
N GLU A 874 -3.56 12.53 14.59
CA GLU A 874 -2.77 13.75 14.73
C GLU A 874 -2.73 14.54 13.41
N GLN A 875 -2.59 13.84 12.30
CA GLN A 875 -2.60 14.48 10.98
C GLN A 875 -3.97 15.11 10.66
N ALA A 876 -5.04 14.43 11.05
CA ALA A 876 -6.40 14.95 10.83
C ALA A 876 -6.60 16.26 11.64
N LEU A 877 -6.11 16.30 12.87
CA LEU A 877 -6.17 17.54 13.65
C LEU A 877 -5.40 18.68 12.99
N GLU A 878 -4.20 18.39 12.50
CA GLU A 878 -3.38 19.41 11.85
C GLU A 878 -4.07 19.92 10.58
N LYS A 879 -4.54 18.98 9.74
CA LYS A 879 -5.16 19.37 8.48
C LYS A 879 -6.44 20.16 8.71
N THR A 880 -7.23 19.77 9.70
CA THR A 880 -8.52 20.45 9.98
C THR A 880 -8.26 21.90 10.34
N LYS A 881 -7.28 22.12 11.22
CA LYS A 881 -6.89 23.49 11.58
C LYS A 881 -6.43 24.29 10.35
N ALA A 882 -5.59 23.68 9.49
CA ALA A 882 -5.14 24.30 8.23
C ALA A 882 -6.36 24.61 7.33
N ASN A 883 -7.31 23.67 7.26
CA ASN A 883 -8.48 23.81 6.36
C ASN A 883 -9.39 24.97 6.78
N ILE A 884 -9.61 25.12 8.09
CA ILE A 884 -10.43 26.25 8.58
C ILE A 884 -9.84 27.57 8.07
N LYS A 885 -8.53 27.73 8.23
CA LYS A 885 -7.85 28.94 7.79
C LYS A 885 -7.87 29.10 6.28
N TRP A 886 -7.64 28.00 5.57
CA TRP A 886 -7.60 28.04 4.11
C TRP A 886 -8.95 28.46 3.50
N VAL A 887 -10.04 27.87 4.00
CA VAL A 887 -11.38 28.22 3.55
C VAL A 887 -11.65 29.72 3.80
N LYS A 888 -11.28 30.19 5.00
CA LYS A 888 -11.50 31.60 5.30
C LYS A 888 -10.75 32.52 4.32
N GLU A 889 -9.50 32.16 4.03
CA GLU A 889 -8.64 32.97 3.18
C GLU A 889 -9.04 32.88 1.69
N ASN A 890 -9.59 31.74 1.27
CA ASN A 890 -9.76 31.46 -0.16
C ASN A 890 -11.18 31.41 -0.71
N LYS A 891 -12.18 31.31 0.15
CA LYS A 891 -13.52 31.01 -0.35
C LYS A 891 -14.06 32.09 -1.30
N GLU A 892 -13.84 33.37 -0.99
CA GLU A 892 -14.37 34.43 -1.85
C GLU A 892 -13.64 34.50 -3.20
N VAL A 893 -12.30 34.45 -3.15
CA VAL A 893 -11.49 34.53 -4.36
C VAL A 893 -11.79 33.34 -5.28
N VAL A 894 -11.95 32.16 -4.68
CA VAL A 894 -12.24 30.94 -5.45
C VAL A 894 -13.64 30.98 -6.06
N LEU A 895 -14.62 31.42 -5.27
CA LEU A 895 -15.97 31.58 -5.79
C LEU A 895 -15.94 32.49 -7.02
N GLN A 896 -15.28 33.63 -6.89
CA GLN A 896 -15.25 34.59 -7.98
C GLN A 896 -14.52 33.99 -9.19
N TRP A 897 -13.40 33.29 -8.94
CA TRP A 897 -12.62 32.75 -10.06
C TRP A 897 -13.43 31.73 -10.85
N PHE A 898 -14.03 30.76 -10.17
CA PHE A 898 -14.83 29.75 -10.87
C PHE A 898 -16.00 30.39 -11.60
N THR A 899 -16.64 31.38 -10.95
CA THR A 899 -17.80 32.06 -11.59
C THR A 899 -17.35 32.75 -12.90
N GLU A 900 -16.24 33.49 -12.83
CA GLU A 900 -15.75 34.30 -13.96
C GLU A 900 -15.05 33.50 -15.05
N ASN A 901 -14.62 32.27 -14.75
CA ASN A 901 -13.91 31.44 -15.72
C ASN A 901 -14.69 30.26 -16.26
N SER A 902 -15.93 30.10 -15.82
CA SER A 902 -16.76 28.95 -16.21
C SER A 902 -17.71 29.26 -17.36
N LYS A 903 -17.63 30.46 -17.93
CA LYS A 903 -18.64 30.94 -18.89
C LYS A 903 -18.19 30.95 -20.37
N L2O B 1 4.30 -6.97 2.67
CA L2O B 1 3.07 -6.39 2.09
C2 L2O B 1 1.73 -6.89 2.71
C3 L2O B 1 1.50 -6.26 4.10
C4 L2O B 1 0.67 -5.00 3.98
C5 L2O B 1 0.75 -7.28 4.99
C6 L2O B 1 2.98 -6.62 0.57
O1 L2O B 1 4.25 -6.62 -0.09
C L2O B 1 2.32 -5.41 0.00
O L2O B 1 3.00 -4.36 -0.02
N VAL B 2 0.98 -5.49 -0.45
CA VAL B 2 0.21 -4.31 -0.90
C VAL B 2 -0.94 -4.18 0.09
N VAL B 3 -1.25 -2.95 0.54
CA VAL B 3 -2.24 -2.80 1.61
C VAL B 3 -3.68 -2.95 1.10
N ASP B 4 -3.98 -2.33 -0.05
CA ASP B 4 -5.30 -2.49 -0.68
C ASP B 4 -6.40 -2.28 0.40
C1 NAG C . 14.99 -29.03 10.65
C2 NAG C . 15.62 -29.45 11.98
C3 NAG C . 17.17 -29.48 11.87
C4 NAG C . 17.64 -30.25 10.64
C5 NAG C . 16.84 -29.80 9.40
C6 NAG C . 17.26 -30.59 8.17
C7 NAG C . 14.34 -29.04 14.02
C8 NAG C . 14.08 -28.11 15.17
N2 NAG C . 15.24 -28.64 13.13
O3 NAG C . 17.66 -30.08 13.06
O4 NAG C . 19.00 -30.02 10.36
O5 NAG C . 15.45 -29.92 9.65
O6 NAG C . 16.85 -31.92 8.33
O7 NAG C . 13.73 -30.12 13.96
C1 NAG C . 19.86 -31.09 10.76
C2 NAG C . 21.18 -30.99 9.99
C3 NAG C . 22.26 -31.95 10.53
C4 NAG C . 22.34 -31.85 12.06
C5 NAG C . 20.93 -32.08 12.61
C6 NAG C . 20.86 -32.18 14.14
C7 NAG C . 21.04 -30.09 7.72
C8 NAG C . 20.82 -30.36 6.27
N2 NAG C . 20.98 -31.15 8.55
O3 NAG C . 23.48 -31.54 9.96
O4 NAG C . 23.29 -32.76 12.59
O5 NAG C . 20.12 -31.01 12.15
O6 NAG C . 21.24 -30.95 14.71
O7 NAG C . 21.26 -28.94 8.12
C1 NAG D . 10.81 12.49 -20.01
C2 NAG D . 12.00 12.00 -20.86
C3 NAG D . 11.58 11.61 -22.28
C4 NAG D . 10.35 10.70 -22.30
C5 NAG D . 9.28 11.35 -21.41
C6 NAG D . 7.98 10.54 -21.35
C7 NAG D . 14.31 12.66 -20.55
C8 NAG D . 15.40 13.67 -20.69
N2 NAG D . 13.08 12.98 -20.96
O3 NAG D . 12.65 10.97 -22.90
O4 NAG D . 9.88 10.65 -23.64
O5 NAG D . 9.78 11.52 -20.10
O6 NAG D . 8.28 9.27 -20.80
O7 NAG D . 14.58 11.57 -20.05
C1 NAG D . 9.82 9.30 -24.15
C2 NAG D . 8.86 9.31 -25.35
C3 NAG D . 8.95 8.06 -26.24
C4 NAG D . 10.38 7.51 -26.37
C5 NAG D . 11.05 7.47 -24.99
C6 NAG D . 12.46 6.89 -25.03
C7 NAG D . 6.90 10.71 -24.95
C8 NAG D . 5.49 10.82 -24.44
N2 NAG D . 7.48 9.51 -24.89
O3 NAG D . 8.51 8.41 -27.53
O4 NAG D . 10.33 6.23 -26.97
O5 NAG D . 11.09 8.80 -24.48
O6 NAG D . 13.36 7.88 -25.48
O7 NAG D . 7.47 11.72 -25.39
C1 NAG E . -5.12 34.59 -13.59
C2 NAG E . -4.12 35.62 -13.07
C3 NAG E . -4.72 37.04 -13.09
C4 NAG E . -5.30 37.40 -14.46
C5 NAG E . -6.26 36.27 -14.85
C6 NAG E . -6.93 36.49 -16.19
C7 NAG E . -2.43 35.46 -11.30
C8 NAG E . -2.12 35.20 -9.86
N2 NAG E . -3.70 35.34 -11.70
O3 NAG E . -3.71 37.96 -12.73
O4 NAG E . -5.97 38.66 -14.43
O5 NAG E . -5.52 35.05 -14.88
O6 NAG E . -5.94 36.63 -17.18
O7 NAG E . -1.52 35.79 -12.05
C1 NAG E . -5.58 39.47 -15.56
C2 NAG E . -6.66 40.54 -15.89
C3 NAG E . -6.18 41.57 -16.92
C4 NAG E . -4.78 42.08 -16.57
C5 NAG E . -3.86 40.86 -16.51
C6 NAG E . -2.37 41.18 -16.39
C7 NAG E . -8.95 39.67 -15.66
C8 NAG E . -10.12 39.05 -16.37
N2 NAG E . -7.89 39.93 -16.41
O3 NAG E . -7.10 42.64 -17.01
O4 NAG E . -4.36 43.05 -17.53
O5 NAG E . -4.28 40.03 -15.42
O6 NAG E . -2.11 41.66 -15.09
O7 NAG E . -9.02 39.89 -14.45
C1 NAG F . -8.61 -21.42 24.88
C2 NAG F . -9.82 -21.84 24.01
C3 NAG F . -11.02 -20.94 24.32
C4 NAG F . -11.29 -20.86 25.83
C5 NAG F . -10.01 -20.50 26.59
C6 NAG F . -10.19 -20.57 28.11
C7 NAG F . -9.67 -22.83 21.81
C8 NAG F . -9.38 -22.64 20.34
N2 NAG F . -9.54 -21.77 22.59
O3 NAG F . -12.15 -21.43 23.62
O4 NAG F . -12.29 -19.90 26.07
O5 NAG F . -8.98 -21.41 26.25
O6 NAG F . -10.53 -21.90 28.46
O7 NAG F . -9.98 -23.96 22.23
C1 NAG G . -2.90 -38.62 0.61
C2 NAG G . -2.47 -37.89 -0.68
C3 NAG G . -2.51 -38.86 -1.86
C4 NAG G . -1.62 -40.07 -1.55
C5 NAG G . -2.06 -40.74 -0.25
C6 NAG G . -1.06 -41.84 0.14
C7 NAG G . -3.00 -35.46 -0.91
C8 NAG G . -4.03 -34.50 -1.44
N2 NAG G . -3.29 -36.75 -1.08
O3 NAG G . -2.11 -38.21 -3.04
O4 NAG G . -1.64 -40.99 -2.62
O5 NAG G . -2.14 -39.80 0.81
O6 NAG G . -1.66 -42.69 1.08
O7 NAG G . -2.00 -35.02 -0.35
C1 NAG H . -1.10 -15.31 -22.40
C2 NAG H . -2.36 -14.57 -22.87
C3 NAG H . -2.92 -15.08 -24.21
C4 NAG H . -1.82 -15.33 -25.23
C5 NAG H . -0.75 -16.20 -24.59
C6 NAG H . 0.40 -16.56 -25.53
C7 NAG H . -3.86 -13.62 -21.26
C8 NAG H . -4.98 -13.88 -20.27
N2 NAG H . -3.40 -14.71 -21.88
O3 NAG H . -3.86 -14.16 -24.71
O4 NAG H . -2.40 -15.95 -26.35
O5 NAG H . -0.20 -15.49 -23.49
O6 NAG H . 1.20 -15.42 -25.74
O7 NAG H . -3.44 -12.49 -21.47
C1 NAG I . 34.18 -2.83 -7.11
C2 NAG I . 33.15 -3.97 -7.04
C3 NAG I . 33.76 -5.22 -6.41
C4 NAG I . 35.08 -5.60 -7.10
C5 NAG I . 36.01 -4.39 -7.04
C6 NAG I . 37.36 -4.62 -7.70
C7 NAG I . 30.88 -3.06 -6.92
C8 NAG I . 29.71 -2.64 -6.06
N2 NAG I . 31.97 -3.54 -6.30
O3 NAG I . 32.85 -6.29 -6.53
O4 NAG I . 35.67 -6.70 -6.44
O5 NAG I . 35.37 -3.31 -7.72
O6 NAG I . 37.19 -4.91 -9.07
O7 NAG I . 30.81 -2.97 -8.14
C1 NAG J . -26.91 -15.35 -10.93
C2 NAG J . -27.98 -15.17 -12.02
C3 NAG J . -28.12 -16.37 -12.98
C4 NAG J . -26.84 -17.17 -13.19
C5 NAG J . -26.10 -17.32 -11.85
C6 NAG J . -24.91 -18.28 -11.87
C7 NAG J . -29.96 -13.76 -11.58
C8 NAG J . -31.26 -13.65 -10.84
N2 NAG J . -29.26 -14.89 -11.39
O3 NAG J . -28.57 -15.89 -14.23
O4 NAG J . -27.18 -18.45 -13.69
O5 NAG J . -25.75 -16.01 -11.40
O6 NAG J . -23.72 -17.60 -12.20
O7 NAG J . -29.60 -12.84 -12.33
ZN ZN K . 5.20 -4.95 -0.36
S SO4 L . 3.07 -24.11 34.40
O1 SO4 L . 1.70 -24.63 34.22
O2 SO4 L . 3.74 -24.09 33.09
O3 SO4 L . 3.05 -22.78 35.01
O4 SO4 L . 3.84 -25.00 35.30
S SO4 M . -0.94 -17.61 33.65
O1 SO4 M . -0.05 -18.79 33.66
O2 SO4 M . -0.50 -16.61 32.65
O3 SO4 M . -2.29 -18.08 33.30
O4 SO4 M . -0.97 -16.94 34.97
S SO4 N . -9.09 16.21 -33.99
O1 SO4 N . -10.04 15.12 -34.26
O2 SO4 N . -8.84 16.99 -35.23
O3 SO4 N . -9.67 17.11 -32.97
O4 SO4 N . -7.81 15.64 -33.51
S SO4 O . 16.25 33.35 0.28
O1 SO4 O . 15.14 33.09 -0.65
O2 SO4 O . 16.08 34.70 0.87
O3 SO4 O . 16.28 32.33 1.37
O4 SO4 O . 17.53 33.33 -0.49
S SO4 P . -11.49 0.23 -12.44
O1 SO4 P . -11.60 -0.67 -13.61
O2 SO4 P . -11.55 1.67 -12.85
O3 SO4 P . -12.60 -0.01 -11.50
O4 SO4 P . -10.20 -0.07 -11.79
S SO4 Q . 19.81 31.98 6.78
O1 SO4 Q . 18.86 31.46 5.74
O2 SO4 Q . 19.20 33.19 7.35
O3 SO4 Q . 20.01 31.00 7.85
O4 SO4 Q . 21.10 32.30 6.12
S SO4 R . -3.52 -22.16 28.77
O1 SO4 R . -4.59 -22.48 27.80
O2 SO4 R . -3.56 -20.74 29.15
O3 SO4 R . -3.73 -22.95 30.01
O4 SO4 R . -2.23 -22.51 28.16
S SO4 S . -24.06 17.55 -5.91
O1 SO4 S . -23.18 17.70 -7.10
O2 SO4 S . -24.96 18.72 -5.71
O3 SO4 S . -24.93 16.33 -6.09
O4 SO4 S . -23.20 17.35 -4.71
S SO4 T . -7.19 5.13 -30.87
O1 SO4 T . -6.68 3.77 -30.61
O2 SO4 T . -8.67 5.14 -30.74
O3 SO4 T . -6.60 6.08 -29.88
O4 SO4 T . -6.82 5.56 -32.23
S SO4 U . -18.61 37.38 -15.46
O1 SO4 U . -18.52 38.74 -14.86
O2 SO4 U . -19.67 37.39 -16.50
O3 SO4 U . -17.31 37.05 -16.08
O4 SO4 U . -18.93 36.38 -14.40
S SO4 V . 1.27 15.83 -26.27
O1 SO4 V . 0.12 14.92 -26.51
O2 SO4 V . 0.72 17.20 -26.12
O3 SO4 V . 2.01 15.42 -25.08
O4 SO4 V . 2.18 15.83 -27.42
S SO4 W . -18.49 -17.07 -2.84
O1 SO4 W . -18.13 -18.37 -3.40
O2 SO4 W . -19.76 -16.58 -3.43
O3 SO4 W . -18.63 -17.19 -1.38
O4 SO4 W . -17.44 -16.08 -3.20
#